data_1L6V
#
_entry.id   1L6V
#
loop_
_entity.id
_entity.type
_entity.pdbx_description
1 polymer 'Adrenodoxin 1'
2 non-polymer 'FE2/S2 (INORGANIC) CLUSTER'
#
_entity_poly.entity_id   1
_entity_poly.type   'polypeptide(L)'
_entity_poly.pdbx_seq_one_letter_code
;SSSEDKITVHFINRDGETLTTKGKIGDSLLDVVVQNNLDIDGFGACEGTLACSTCHLIFEQHIFEKLEAITDEENDMLDL
AYGLTDRSRLGCQICLTKAMDNMTVRVPDAVSDARESIDMGMNSSKIE
;
_entity_poly.pdbx_strand_id   A
#
loop_
_chem_comp.id
_chem_comp.type
_chem_comp.name
_chem_comp.formula
FES non-polymer 'FE2/S2 (INORGANIC) CLUSTER' 'Fe2 S2'
#
# COMPACT_ATOMS: atom_id res chain seq x y z
N ASP A 5 -16.44 -6.57 -10.79
CA ASP A 5 -15.64 -5.36 -10.64
C ASP A 5 -14.51 -5.63 -9.65
N LYS A 6 -13.50 -6.34 -10.13
CA LYS A 6 -12.35 -6.67 -9.30
C LYS A 6 -11.09 -6.04 -9.91
N ILE A 7 -10.08 -5.88 -9.07
CA ILE A 7 -8.83 -5.30 -9.50
C ILE A 7 -7.67 -6.16 -9.00
N THR A 8 -6.66 -6.30 -9.85
CA THR A 8 -5.49 -7.09 -9.50
C THR A 8 -4.37 -6.19 -8.99
N VAL A 9 -3.48 -6.77 -8.21
CA VAL A 9 -2.36 -6.05 -7.65
C VAL A 9 -1.14 -6.96 -7.59
N HIS A 10 0.03 -6.34 -7.59
CA HIS A 10 1.28 -7.07 -7.53
C HIS A 10 2.06 -6.67 -6.28
N PHE A 11 2.48 -7.69 -5.54
CA PHE A 11 3.24 -7.45 -4.32
C PHE A 11 4.70 -7.87 -4.49
N ILE A 12 5.59 -6.97 -4.13
CA ILE A 12 7.02 -7.23 -4.24
C ILE A 12 7.50 -7.92 -2.96
N ASN A 13 8.50 -8.78 -3.14
CA ASN A 13 9.06 -9.51 -2.01
C ASN A 13 10.58 -9.34 -2.01
N ARG A 14 11.27 -10.41 -1.62
CA ARG A 14 12.71 -10.39 -1.57
C ARG A 14 13.29 -11.55 -2.40
N ASP A 15 12.61 -12.67 -2.34
CA ASP A 15 13.03 -13.85 -3.07
C ASP A 15 12.86 -13.59 -4.57
N GLY A 16 11.61 -13.63 -5.01
CA GLY A 16 11.29 -13.41 -6.40
C GLY A 16 10.61 -12.06 -6.61
N GLU A 17 10.26 -11.44 -5.49
CA GLU A 17 9.60 -10.14 -5.53
C GLU A 17 8.74 -10.02 -6.78
N THR A 18 7.44 -10.21 -6.59
CA THR A 18 6.50 -10.13 -7.69
C THR A 18 5.19 -10.84 -7.33
N LEU A 19 4.86 -10.78 -6.05
CA LEU A 19 3.64 -11.41 -5.56
C LEU A 19 2.45 -10.87 -6.35
N THR A 20 1.29 -10.93 -5.72
CA THR A 20 0.07 -10.46 -6.34
C THR A 20 -1.15 -10.89 -5.53
N THR A 21 -2.29 -10.30 -5.86
CA THR A 21 -3.53 -10.60 -5.17
C THR A 21 -4.70 -9.88 -5.83
N LYS A 22 -5.81 -10.61 -5.97
CA LYS A 22 -7.00 -10.05 -6.57
C LYS A 22 -7.79 -9.27 -5.52
N GLY A 23 -8.16 -8.06 -5.89
CA GLY A 23 -8.92 -7.20 -4.98
C GLY A 23 -10.26 -6.80 -5.60
N LYS A 24 -11.03 -6.05 -4.82
CA LYS A 24 -12.33 -5.60 -5.28
C LYS A 24 -12.41 -4.08 -5.15
N ILE A 25 -12.88 -3.44 -6.22
CA ILE A 25 -13.02 -2.00 -6.23
C ILE A 25 -13.90 -1.57 -5.06
N GLY A 26 -13.26 -1.04 -4.03
CA GLY A 26 -13.97 -0.58 -2.86
C GLY A 26 -13.61 -1.43 -1.63
N ASP A 27 -12.55 -2.21 -1.78
CA ASP A 27 -12.10 -3.07 -0.70
C ASP A 27 -12.09 -2.28 0.60
N SER A 28 -11.91 -3.00 1.70
CA SER A 28 -11.86 -2.38 3.02
C SER A 28 -10.42 -2.16 3.44
N LEU A 29 -10.26 -1.83 4.72
CA LEU A 29 -8.94 -1.60 5.28
C LEU A 29 -8.26 -2.94 5.56
N LEU A 30 -6.93 -2.88 5.65
CA LEU A 30 -6.15 -4.07 5.91
C LEU A 30 -6.72 -5.24 5.11
N ASP A 31 -7.01 -4.95 3.84
CA ASP A 31 -7.56 -5.96 2.96
C ASP A 31 -6.56 -6.26 1.85
N VAL A 32 -7.05 -6.91 0.80
CA VAL A 32 -6.21 -7.26 -0.33
C VAL A 32 -5.19 -8.31 0.11
N VAL A 33 -4.02 -7.83 0.52
CA VAL A 33 -2.96 -8.71 0.97
C VAL A 33 -3.56 -9.83 1.81
N VAL A 34 -3.94 -9.48 3.03
CA VAL A 34 -4.52 -10.44 3.95
C VAL A 34 -5.63 -11.22 3.23
N GLN A 35 -6.43 -10.48 2.48
CA GLN A 35 -7.53 -11.09 1.74
C GLN A 35 -7.08 -12.42 1.12
N ASN A 36 -5.81 -12.46 0.73
CA ASN A 36 -5.24 -13.66 0.13
C ASN A 36 -4.20 -14.25 1.08
N ASN A 37 -3.72 -13.41 1.99
CA ASN A 37 -2.72 -13.83 2.95
C ASN A 37 -1.34 -13.74 2.32
N LEU A 38 -1.24 -12.88 1.32
CA LEU A 38 0.02 -12.70 0.61
C LEU A 38 1.17 -12.71 1.62
N ASP A 39 2.34 -13.10 1.13
CA ASP A 39 3.52 -13.16 1.97
C ASP A 39 3.51 -11.97 2.95
N ILE A 40 3.50 -10.78 2.38
CA ILE A 40 3.49 -9.57 3.20
C ILE A 40 4.25 -9.83 4.49
N ASP A 41 5.57 -9.97 4.36
CA ASP A 41 6.41 -10.21 5.51
C ASP A 41 6.21 -9.10 6.53
N GLY A 42 5.25 -9.33 7.43
CA GLY A 42 4.95 -8.36 8.46
C GLY A 42 3.45 -8.34 8.76
N PHE A 43 2.66 -8.44 7.70
CA PHE A 43 1.22 -8.43 7.83
C PHE A 43 0.77 -7.41 8.89
N GLY A 44 0.45 -6.21 8.41
CA GLY A 44 0.01 -5.15 9.29
C GLY A 44 0.85 -5.13 10.58
N ALA A 45 2.01 -4.50 10.49
CA ALA A 45 2.90 -4.41 11.63
C ALA A 45 1.54 -3.53 11.98
N CYS A 46 1.46 -2.85 12.79
CA CYS A 46 0.64 -2.30 13.85
C CYS A 46 -0.16 -3.36 12.89
N GLU A 47 -1.10 -3.77 12.98
CA GLU A 47 -2.45 -4.29 12.88
C GLU A 47 -3.42 -3.20 12.39
N GLY A 48 -2.83 -2.14 11.85
CA GLY A 48 -3.62 -1.03 11.35
C GLY A 48 -3.80 0.05 12.41
N THR A 49 -4.75 0.94 12.16
CA THR A 49 -5.03 2.02 13.09
C THR A 49 -3.93 3.07 13.02
N LEU A 50 -3.01 2.86 12.09
CA LEU A 50 -1.91 3.80 11.92
C LEU A 50 -0.90 3.60 13.05
N ALA A 51 0.34 3.35 12.67
CA ALA A 51 1.39 3.13 13.65
C ALA A 51 2.65 2.62 12.94
N CYS A 52 2.43 1.86 11.89
CA CYS A 52 3.52 1.29 11.12
C CYS A 52 3.50 1.93 9.72
N SER A 53 4.34 1.39 8.85
CA SER A 53 4.42 1.89 7.48
C SER A 53 4.42 0.72 6.49
N THR A 54 4.16 -0.47 7.03
CA THR A 54 4.13 -1.66 6.21
C THR A 54 2.68 -2.11 5.98
N CYS A 55 1.93 -1.24 5.32
CA CYS A 55 0.53 -1.52 5.03
C CYS A 55 0.30 -1.33 3.53
N HIS A 56 0.37 -0.07 3.11
CA HIS A 56 0.17 0.27 1.71
C HIS A 56 1.45 -0.05 0.93
N LEU A 57 2.57 0.40 1.47
CA LEU A 57 3.86 0.16 0.83
C LEU A 57 3.94 1.01 -0.44
N ILE A 58 5.10 0.93 -1.09
CA ILE A 58 5.32 1.68 -2.32
C ILE A 58 4.11 1.54 -3.22
N PHE A 59 3.66 2.67 -3.75
CA PHE A 59 2.51 2.68 -4.63
C PHE A 59 2.82 3.43 -5.92
N GLU A 60 2.71 2.71 -7.03
CA GLU A 60 2.97 3.29 -8.34
C GLU A 60 2.81 4.81 -8.28
N GLN A 61 3.94 5.49 -8.37
CA GLN A 61 3.95 6.95 -8.32
C GLN A 61 2.85 7.50 -9.24
N HIS A 62 2.49 6.71 -10.23
CA HIS A 62 1.47 7.11 -11.18
C HIS A 62 0.10 7.11 -10.48
N ILE A 63 0.12 6.69 -9.22
CA ILE A 63 -1.10 6.63 -8.44
C ILE A 63 -1.01 7.62 -7.27
N PHE A 64 0.11 7.55 -6.57
CA PHE A 64 0.34 8.42 -5.43
C PHE A 64 0.65 9.84 -5.90
N GLU A 65 1.71 9.95 -6.70
CA GLU A 65 2.12 11.25 -7.22
C GLU A 65 0.90 12.05 -7.69
N LYS A 66 -0.16 11.31 -8.00
CA LYS A 66 -1.39 11.94 -8.47
C LYS A 66 -2.18 12.47 -7.26
N LEU A 67 -1.45 13.12 -6.37
CA LEU A 67 -2.06 13.68 -5.18
C LEU A 67 -1.30 14.93 -4.75
N GLU A 68 -1.91 16.07 -5.03
CA GLU A 68 -1.29 17.35 -4.68
C GLU A 68 -1.80 17.83 -3.32
N ALA A 69 -1.49 17.05 -2.30
CA ALA A 69 -1.90 17.38 -0.95
C ALA A 69 -1.34 16.35 0.03
N ILE A 70 -0.43 16.81 0.86
CA ILE A 70 0.20 15.94 1.85
C ILE A 70 1.09 16.79 2.77
N THR A 71 0.82 16.65 4.06
CA THR A 71 1.59 17.39 5.06
C THR A 71 1.60 16.64 6.39
N ASP A 72 2.35 17.18 7.34
CA ASP A 72 2.45 16.58 8.65
C ASP A 72 1.08 16.06 9.08
N GLU A 73 0.05 16.76 8.62
CA GLU A 73 -1.32 16.38 8.94
C GLU A 73 -1.72 15.12 8.16
N GLU A 74 -1.53 15.18 6.85
CA GLU A 74 -1.87 14.07 5.99
C GLU A 74 -1.03 12.84 6.37
N ASN A 75 0.28 13.03 6.33
CA ASN A 75 1.20 11.95 6.67
C ASN A 75 0.67 11.18 7.88
N ASP A 76 0.75 11.83 9.03
CA ASP A 76 0.28 11.21 10.26
C ASP A 76 1.32 10.20 10.75
N MET A 77 1.52 9.17 9.94
CA MET A 77 2.47 8.13 10.28
C MET A 77 3.71 8.21 9.38
N LEU A 78 3.46 8.49 8.11
CA LEU A 78 4.54 8.60 7.14
C LEU A 78 5.64 9.49 7.71
N ASP A 79 5.60 10.76 7.33
CA ASP A 79 6.59 11.71 7.79
C ASP A 79 7.92 11.46 7.07
N LEU A 80 8.48 10.29 7.33
CA LEU A 80 9.75 9.92 6.71
C LEU A 80 9.85 8.39 6.66
N ALA A 81 8.74 7.76 6.28
CA ALA A 81 8.70 6.31 6.19
C ALA A 81 9.92 5.82 5.43
N TYR A 82 10.96 5.48 6.19
CA TYR A 82 12.18 4.98 5.60
C TYR A 82 11.90 4.21 4.30
N GLY A 83 12.10 4.90 3.19
CA GLY A 83 11.87 4.30 1.89
C GLY A 83 10.89 5.13 1.05
N LEU A 84 10.03 5.84 1.76
CA LEU A 84 9.03 6.68 1.10
C LEU A 84 9.74 7.61 0.11
N THR A 85 9.13 7.75 -1.06
CA THR A 85 9.68 8.60 -2.09
C THR A 85 8.59 9.49 -2.69
N ASP A 86 7.93 8.97 -3.71
CA ASP A 86 6.87 9.71 -4.37
C ASP A 86 5.86 8.72 -4.96
N ARG A 87 5.83 7.54 -4.38
CA ARG A 87 4.93 6.49 -4.84
C ARG A 87 4.22 5.83 -3.65
N SER A 88 5.00 5.57 -2.62
CA SER A 88 4.46 4.95 -1.42
C SER A 88 3.47 5.89 -0.75
N ARG A 89 2.61 5.29 0.07
CA ARG A 89 1.61 6.06 0.79
C ARG A 89 0.82 5.15 1.74
N LEU A 90 1.07 5.35 3.03
CA LEU A 90 0.39 4.56 4.05
C LEU A 90 -1.11 4.82 3.97
N GLY A 91 -1.88 3.73 4.00
CA GLY A 91 -3.32 3.83 3.93
C GLY A 91 -3.98 3.06 5.09
N CYS A 92 -4.10 1.76 4.89
CA CYS A 92 -4.71 0.91 5.90
C CYS A 92 -6.06 1.51 6.29
N GLN A 93 -6.59 2.31 5.38
CA GLN A 93 -7.88 2.94 5.61
C GLN A 93 -8.44 3.51 4.30
N ILE A 94 -8.04 2.88 3.21
CA ILE A 94 -8.49 3.32 1.90
C ILE A 94 -9.01 2.11 1.11
N CYS A 95 -10.05 2.35 0.33
CA CYS A 95 -10.65 1.29 -0.47
C CYS A 95 -9.89 1.20 -1.80
N LEU A 96 -9.93 0.02 -2.39
CA LEU A 96 -9.25 -0.21 -3.66
C LEU A 96 -9.65 0.88 -4.64
N THR A 97 -9.00 0.87 -5.79
CA THR A 97 -9.28 1.85 -6.82
C THR A 97 -8.94 1.28 -8.20
N LYS A 98 -9.31 2.02 -9.23
CA LYS A 98 -9.06 1.61 -10.60
C LYS A 98 -7.59 1.88 -10.94
N ALA A 99 -7.02 2.83 -10.22
CA ALA A 99 -5.63 3.19 -10.43
C ALA A 99 -4.73 2.05 -9.98
N MET A 100 -5.10 1.45 -8.85
CA MET A 100 -4.34 0.35 -8.29
C MET A 100 -4.54 -0.93 -9.11
N ASP A 101 -5.37 -0.80 -10.14
CA ASP A 101 -5.66 -1.94 -11.01
C ASP A 101 -4.37 -2.38 -11.70
N ASN A 102 -3.75 -3.39 -11.10
CA ASN A 102 -2.50 -3.92 -11.65
C ASN A 102 -1.33 -3.08 -11.15
N MET A 103 -1.37 -2.78 -9.86
CA MET A 103 -0.31 -1.98 -9.25
C MET A 103 0.71 -2.87 -8.54
N THR A 104 1.95 -2.40 -8.53
CA THR A 104 3.03 -3.14 -7.90
C THR A 104 3.41 -2.49 -6.57
N VAL A 105 3.06 -3.18 -5.49
CA VAL A 105 3.36 -2.67 -4.15
C VAL A 105 4.70 -3.26 -3.68
N ARG A 106 5.50 -2.40 -3.08
CA ARG A 106 6.81 -2.80 -2.59
C ARG A 106 7.03 -2.28 -1.17
N VAL A 107 7.35 -3.20 -0.26
CA VAL A 107 7.59 -2.84 1.11
C VAL A 107 8.93 -2.10 1.23
N PRO A 108 8.95 -1.08 2.12
CA PRO A 108 10.16 -0.29 2.33
C PRO A 108 11.19 -1.08 3.15
N ASP A 109 10.75 -2.21 3.66
CA ASP A 109 11.61 -3.07 4.45
C ASP A 109 11.88 -2.39 5.81
N ALA A 110 11.12 -2.82 6.80
CA ALA A 110 11.26 -2.27 8.14
C ALA A 110 11.32 -3.42 9.16
FE1 FES B . -0.05 -0.36 10.57
FE2 FES B . -1.54 0.13 8.36
S1 FES B . -0.72 1.74 9.56
S2 FES B . -1.00 -1.70 9.39
N ASP A 5 -16.54 -3.88 -9.17
CA ASP A 5 -15.57 -4.68 -9.91
C ASP A 5 -14.39 -5.01 -9.00
N LYS A 6 -13.41 -5.69 -9.58
CA LYS A 6 -12.22 -6.08 -8.84
C LYS A 6 -10.99 -5.52 -9.54
N ILE A 7 -9.89 -5.50 -8.80
CA ILE A 7 -8.64 -4.99 -9.32
C ILE A 7 -7.50 -5.94 -8.93
N THR A 8 -6.36 -5.75 -9.58
CA THR A 8 -5.19 -6.57 -9.30
C THR A 8 -4.04 -5.70 -8.77
N VAL A 9 -3.13 -6.36 -8.07
CA VAL A 9 -1.98 -5.67 -7.51
C VAL A 9 -0.81 -6.64 -7.41
N HIS A 10 0.39 -6.09 -7.55
CA HIS A 10 1.60 -6.89 -7.48
C HIS A 10 2.43 -6.46 -6.27
N PHE A 11 2.49 -7.35 -5.29
CA PHE A 11 3.25 -7.07 -4.07
C PHE A 11 4.66 -7.64 -4.17
N ILE A 12 5.63 -6.77 -3.91
CA ILE A 12 7.03 -7.17 -3.96
C ILE A 12 7.52 -7.47 -2.55
N ASN A 13 8.24 -8.58 -2.43
CA ASN A 13 8.78 -8.98 -1.14
C ASN A 13 10.19 -8.40 -0.98
N ARG A 14 10.91 -8.94 0.00
CA ARG A 14 12.27 -8.50 0.26
C ARG A 14 13.26 -9.28 -0.60
N ASP A 15 12.86 -9.52 -1.84
CA ASP A 15 13.71 -10.25 -2.76
C ASP A 15 13.28 -9.93 -4.20
N GLY A 16 11.98 -9.83 -4.39
CA GLY A 16 11.43 -9.53 -5.69
C GLY A 16 10.47 -10.63 -6.16
N GLU A 17 10.09 -11.47 -5.21
CA GLU A 17 9.17 -12.56 -5.52
C GLU A 17 7.74 -12.08 -5.51
N THR A 18 7.40 -11.30 -6.53
CA THR A 18 6.06 -10.75 -6.66
C THR A 18 5.02 -11.77 -6.18
N LEU A 19 4.26 -11.38 -5.16
CA LEU A 19 3.24 -12.24 -4.61
C LEU A 19 1.98 -12.14 -5.46
N THR A 20 1.61 -10.90 -5.77
CA THR A 20 0.42 -10.65 -6.58
C THR A 20 -0.84 -11.06 -5.82
N THR A 21 -1.84 -10.19 -5.88
CA THR A 21 -3.10 -10.44 -5.21
C THR A 21 -4.22 -9.64 -5.85
N LYS A 22 -5.44 -10.18 -5.75
CA LYS A 22 -6.60 -9.53 -6.32
C LYS A 22 -7.27 -8.66 -5.25
N GLY A 23 -7.77 -7.51 -5.69
CA GLY A 23 -8.43 -6.59 -4.78
C GLY A 23 -9.81 -6.20 -5.32
N LYS A 24 -10.55 -5.47 -4.49
CA LYS A 24 -11.88 -5.02 -4.86
C LYS A 24 -11.93 -3.50 -4.83
N ILE A 25 -12.42 -2.93 -5.92
CA ILE A 25 -12.53 -1.48 -6.02
C ILE A 25 -13.36 -0.95 -4.86
N GLY A 26 -12.70 -0.26 -3.96
CA GLY A 26 -13.37 0.31 -2.80
C GLY A 26 -13.08 -0.50 -1.55
N ASP A 27 -12.00 -1.27 -1.61
CA ASP A 27 -11.59 -2.10 -0.49
C ASP A 27 -11.45 -1.23 0.76
N SER A 28 -11.24 -1.89 1.88
CA SER A 28 -11.08 -1.18 3.15
C SER A 28 -10.63 -2.16 4.24
N LEU A 29 -10.29 -1.60 5.40
CA LEU A 29 -9.84 -2.41 6.51
C LEU A 29 -8.71 -3.33 6.06
N LEU A 30 -7.63 -2.71 5.62
CA LEU A 30 -6.48 -3.45 5.15
C LEU A 30 -6.87 -4.26 3.91
N ASP A 31 -7.46 -5.42 4.16
CA ASP A 31 -7.89 -6.29 3.08
C ASP A 31 -6.71 -6.53 2.14
N VAL A 32 -7.03 -7.02 0.95
CA VAL A 32 -6.02 -7.30 -0.05
C VAL A 32 -4.89 -8.12 0.59
N VAL A 33 -3.90 -7.40 1.12
CA VAL A 33 -2.77 -8.04 1.76
C VAL A 33 -3.26 -9.24 2.57
N VAL A 34 -4.34 -9.02 3.31
CA VAL A 34 -4.91 -10.06 4.14
C VAL A 34 -5.76 -10.99 3.26
N GLN A 35 -6.65 -10.38 2.50
CA GLN A 35 -7.51 -11.14 1.61
C GLN A 35 -6.74 -12.29 0.97
N ASN A 36 -5.45 -12.06 0.77
CA ASN A 36 -4.60 -13.07 0.17
C ASN A 36 -3.62 -13.60 1.23
N ASN A 37 -3.26 -12.71 2.15
CA ASN A 37 -2.35 -13.07 3.21
C ASN A 37 -0.91 -12.81 2.75
N LEU A 38 -0.77 -11.79 1.91
CA LEU A 38 0.53 -11.42 1.38
C LEU A 38 1.61 -11.73 2.44
N ASP A 39 2.67 -12.36 2.00
CA ASP A 39 3.76 -12.71 2.88
C ASP A 39 4.57 -11.46 3.20
N ILE A 40 3.94 -10.55 3.93
CA ILE A 40 4.59 -9.30 4.30
C ILE A 40 4.15 -8.91 5.71
N ASP A 41 4.93 -9.34 6.69
CA ASP A 41 4.63 -9.05 8.08
C ASP A 41 4.57 -7.52 8.27
N GLY A 42 3.85 -7.12 9.30
CA GLY A 42 3.70 -5.71 9.61
C GLY A 42 2.47 -5.12 8.90
N PHE A 43 2.13 -5.73 7.77
CA PHE A 43 0.99 -5.28 7.00
C PHE A 43 -0.16 -4.84 7.92
N GLY A 44 -0.29 -3.53 8.06
CA GLY A 44 -1.33 -2.96 8.90
C GLY A 44 -1.33 -3.62 10.27
N ALA A 45 -2.20 -3.11 11.14
CA ALA A 45 -2.32 -3.64 12.49
C ALA A 45 -2.82 -2.05 12.34
N CYS A 46 -3.07 -1.43 13.08
CA CYS A 46 -3.82 -0.38 13.76
C CYS A 46 -4.60 -1.03 12.46
N GLU A 47 -5.55 -0.89 12.12
CA GLU A 47 -6.82 -0.67 11.45
C GLU A 47 -6.87 0.74 10.84
N GLY A 48 -6.01 0.96 9.86
CA GLY A 48 -5.94 2.24 9.20
C GLY A 48 -6.29 3.38 10.16
N THR A 49 -5.67 3.34 11.33
CA THR A 49 -5.91 4.34 12.35
C THR A 49 -4.60 5.02 12.76
N LEU A 50 -3.56 4.69 12.01
CA LEU A 50 -2.24 5.25 12.28
C LEU A 50 -1.85 4.94 13.73
N ALA A 51 -0.86 4.07 13.87
CA ALA A 51 -0.38 3.68 15.19
C ALA A 51 0.50 2.44 15.06
N CYS A 52 0.18 1.63 14.07
CA CYS A 52 0.94 0.41 13.83
C CYS A 52 2.22 0.78 13.09
N SER A 53 2.09 1.64 12.10
CA SER A 53 3.22 2.08 11.32
C SER A 53 3.89 0.88 10.65
N THR A 54 3.26 0.38 9.60
CA THR A 54 3.78 -0.75 8.87
C THR A 54 3.16 -0.83 7.47
N CYS A 55 1.89 -0.46 7.41
CA CYS A 55 1.17 -0.48 6.15
C CYS A 55 1.94 0.39 5.15
N HIS A 56 1.21 0.84 4.13
CA HIS A 56 1.81 1.68 3.10
C HIS A 56 2.70 0.81 2.19
N LEU A 57 2.84 1.28 0.96
CA LEU A 57 3.65 0.56 -0.02
C LEU A 57 3.90 1.46 -1.22
N ILE A 58 4.88 1.07 -2.02
CA ILE A 58 5.23 1.83 -3.21
C ILE A 58 4.23 1.52 -4.32
N PHE A 59 3.50 2.56 -4.72
CA PHE A 59 2.51 2.40 -5.77
C PHE A 59 2.85 3.27 -6.98
N GLU A 60 2.60 2.73 -8.15
CA GLU A 60 2.87 3.43 -9.39
C GLU A 60 2.75 4.95 -9.18
N GLN A 61 3.87 5.63 -9.26
CA GLN A 61 3.89 7.07 -9.09
C GLN A 61 2.79 7.73 -9.92
N HIS A 62 2.68 7.26 -11.15
CA HIS A 62 1.68 7.79 -12.06
C HIS A 62 0.28 7.55 -11.49
N ILE A 63 0.24 6.76 -10.43
CA ILE A 63 -1.01 6.45 -9.77
C ILE A 63 -1.13 7.25 -8.48
N PHE A 64 -0.03 7.29 -7.75
CA PHE A 64 0.01 8.02 -6.49
C PHE A 64 0.24 9.51 -6.72
N GLU A 65 1.41 9.83 -7.24
CA GLU A 65 1.77 11.21 -7.53
C GLU A 65 0.51 12.03 -7.81
N LYS A 66 -0.39 11.42 -8.56
CA LYS A 66 -1.64 12.09 -8.91
C LYS A 66 -2.61 12.00 -7.73
N LEU A 67 -2.13 12.47 -6.58
CA LEU A 67 -2.95 12.45 -5.38
C LEU A 67 -2.21 13.20 -4.27
N GLU A 68 -2.99 13.80 -3.37
CA GLU A 68 -2.43 14.55 -2.27
C GLU A 68 -1.28 13.78 -1.64
N ALA A 69 -0.10 14.38 -1.72
CA ALA A 69 1.09 13.77 -1.16
C ALA A 69 1.24 14.19 0.30
N ILE A 70 2.36 13.79 0.89
CA ILE A 70 2.63 14.12 2.28
C ILE A 70 1.40 13.82 3.13
N THR A 71 1.48 14.20 4.39
CA THR A 71 0.38 13.97 5.31
C THR A 71 -0.04 15.28 5.98
N ASP A 72 -1.10 15.20 6.76
CA ASP A 72 -1.61 16.37 7.46
C ASP A 72 -0.44 17.17 8.03
N GLU A 73 0.26 16.55 8.97
CA GLU A 73 1.40 17.18 9.61
C GLU A 73 2.63 17.11 8.69
N GLU A 74 2.36 17.24 7.40
CA GLU A 74 3.43 17.18 6.41
C GLU A 74 4.16 15.84 6.48
N ASN A 75 3.37 14.79 6.61
CA ASN A 75 3.91 13.44 6.69
C ASN A 75 3.86 12.95 8.14
N ASP A 76 2.83 13.40 8.84
CA ASP A 76 2.66 13.01 10.23
C ASP A 76 3.07 11.55 10.41
N MET A 77 2.29 10.67 9.81
CA MET A 77 2.57 9.25 9.90
C MET A 77 3.36 8.77 8.68
N LEU A 78 4.40 9.52 8.35
CA LEU A 78 5.24 9.18 7.22
C LEU A 78 5.79 7.76 7.40
N ASP A 79 6.85 7.48 6.66
CA ASP A 79 7.48 6.16 6.74
C ASP A 79 8.89 6.30 7.34
N LEU A 80 9.40 7.52 7.28
CA LEU A 80 10.72 7.81 7.81
C LEU A 80 11.70 6.74 7.32
N ALA A 81 11.42 6.22 6.13
CA ALA A 81 12.26 5.19 5.55
C ALA A 81 12.75 5.67 4.18
N TYR A 82 13.89 6.35 4.20
CA TYR A 82 14.47 6.86 2.97
C TYR A 82 13.47 7.73 2.20
N GLY A 83 13.96 8.35 1.14
CA GLY A 83 13.12 9.21 0.32
C GLY A 83 11.70 8.65 0.21
N LEU A 84 11.62 7.38 -0.19
CA LEU A 84 10.34 6.72 -0.33
C LEU A 84 9.33 7.70 -0.94
N THR A 85 8.06 7.39 -0.73
CA THR A 85 6.99 8.23 -1.25
C THR A 85 7.20 8.50 -2.75
N ASP A 86 6.59 9.58 -3.21
CA ASP A 86 6.70 9.95 -4.60
C ASP A 86 5.97 8.92 -5.47
N ARG A 87 5.35 7.96 -4.79
CA ARG A 87 4.63 6.90 -5.47
C ARG A 87 3.91 6.01 -4.46
N SER A 88 4.53 5.86 -3.30
CA SER A 88 3.96 5.05 -2.25
C SER A 88 2.72 5.74 -1.66
N ARG A 89 1.95 4.96 -0.91
CA ARG A 89 0.75 5.49 -0.29
C ARG A 89 0.22 4.49 0.74
N LEU A 90 -0.68 4.99 1.59
CA LEU A 90 -1.27 4.16 2.63
C LEU A 90 -1.98 2.98 1.98
N GLY A 91 -2.07 1.90 2.74
CA GLY A 91 -2.72 0.69 2.25
C GLY A 91 -3.57 0.05 3.34
N CYS A 92 -4.66 0.74 3.69
CA CYS A 92 -5.56 0.25 4.72
C CYS A 92 -6.76 1.21 4.79
N GLN A 93 -6.45 2.49 4.76
CA GLN A 93 -7.49 3.51 4.82
C GLN A 93 -7.96 3.88 3.41
N ILE A 94 -6.98 4.10 2.54
CA ILE A 94 -7.28 4.47 1.16
C ILE A 94 -7.80 3.22 0.41
N CYS A 95 -9.11 3.21 0.21
CA CYS A 95 -9.74 2.10 -0.49
C CYS A 95 -9.06 1.93 -1.85
N LEU A 96 -9.23 0.75 -2.42
CA LEU A 96 -8.64 0.45 -3.72
C LEU A 96 -9.12 1.47 -4.74
N THR A 97 -8.54 1.39 -5.92
CA THR A 97 -8.89 2.31 -7.00
C THR A 97 -8.57 1.68 -8.36
N LYS A 98 -9.10 2.31 -9.41
CA LYS A 98 -8.87 1.83 -10.75
C LYS A 98 -7.46 2.20 -11.20
N ALA A 99 -6.99 3.34 -10.71
CA ALA A 99 -5.67 3.82 -11.04
C ALA A 99 -4.62 2.82 -10.54
N MET A 100 -5.04 2.04 -9.55
CA MET A 100 -4.15 1.05 -8.96
C MET A 100 -4.38 -0.33 -9.60
N ASP A 101 -5.37 -0.38 -10.49
CA ASP A 101 -5.70 -1.62 -11.17
C ASP A 101 -4.43 -2.19 -11.80
N ASN A 102 -3.86 -3.17 -11.10
CA ASN A 102 -2.65 -3.81 -11.58
C ASN A 102 -1.43 -2.97 -11.19
N MET A 103 -1.48 -2.46 -9.97
CA MET A 103 -0.39 -1.64 -9.45
C MET A 103 0.65 -2.49 -8.73
N THR A 104 1.89 -2.03 -8.79
CA THR A 104 2.98 -2.74 -8.15
C THR A 104 3.26 -2.13 -6.77
N VAL A 105 2.84 -2.85 -5.74
CA VAL A 105 3.05 -2.40 -4.37
C VAL A 105 4.37 -2.98 -3.84
N ARG A 106 5.26 -2.06 -3.47
CA ARG A 106 6.55 -2.47 -2.95
C ARG A 106 6.79 -1.83 -1.57
N VAL A 107 7.30 -2.64 -0.66
CA VAL A 107 7.57 -2.17 0.69
C VAL A 107 9.07 -2.30 0.97
N PRO A 108 9.65 -1.21 1.54
CA PRO A 108 11.06 -1.20 1.86
C PRO A 108 11.34 -2.03 3.12
N ASP A 109 10.26 -2.47 3.75
CA ASP A 109 10.38 -3.27 4.95
C ASP A 109 11.10 -2.46 6.04
N ALA A 110 10.41 -2.25 7.13
CA ALA A 110 10.97 -1.49 8.24
C ALA A 110 9.97 -1.48 9.40
FE1 FES B . -2.07 1.13 10.66
FE2 FES B . -2.08 1.97 8.08
S1 FES B . -1.08 3.12 9.64
S2 FES B . -3.03 0.30 9.08
N ASP A 5 -16.60 -5.01 -9.39
CA ASP A 5 -15.46 -5.41 -10.20
C ASP A 5 -14.25 -5.65 -9.30
N LYS A 6 -13.21 -6.23 -9.88
CA LYS A 6 -12.00 -6.52 -9.14
C LYS A 6 -10.80 -5.94 -9.89
N ILE A 7 -9.69 -5.83 -9.17
CA ILE A 7 -8.47 -5.29 -9.76
C ILE A 7 -7.27 -6.09 -9.25
N THR A 8 -6.37 -6.39 -10.16
CA THR A 8 -5.17 -7.15 -9.83
C THR A 8 -4.10 -6.22 -9.27
N VAL A 9 -3.25 -6.79 -8.43
CA VAL A 9 -2.17 -6.02 -7.82
C VAL A 9 -0.96 -6.94 -7.62
N HIS A 10 0.21 -6.32 -7.54
CA HIS A 10 1.44 -7.05 -7.34
C HIS A 10 2.16 -6.54 -6.09
N PHE A 11 2.42 -7.46 -5.17
CA PHE A 11 3.10 -7.11 -3.94
C PHE A 11 4.49 -7.74 -3.88
N ILE A 12 5.46 -6.97 -4.36
CA ILE A 12 6.84 -7.44 -4.38
C ILE A 12 7.30 -7.68 -2.94
N ASN A 13 7.65 -8.92 -2.67
CA ASN A 13 8.11 -9.29 -1.34
C ASN A 13 9.50 -8.68 -1.09
N ARG A 14 9.91 -8.72 0.17
CA ARG A 14 11.19 -8.17 0.55
C ARG A 14 12.30 -8.75 -0.34
N ASP A 15 12.10 -10.00 -0.74
CA ASP A 15 13.07 -10.68 -1.59
C ASP A 15 12.73 -10.40 -3.05
N GLY A 16 11.43 -10.30 -3.32
CA GLY A 16 10.97 -10.04 -4.67
C GLY A 16 10.05 -11.17 -5.16
N GLU A 17 9.72 -12.06 -4.24
CA GLU A 17 8.85 -13.17 -4.56
C GLU A 17 7.43 -12.68 -4.83
N THR A 18 7.26 -12.10 -6.02
CA THR A 18 5.97 -11.57 -6.41
C THR A 18 4.84 -12.37 -5.74
N LEU A 19 3.97 -11.65 -5.06
CA LEU A 19 2.85 -12.26 -4.37
C LEU A 19 1.63 -12.26 -5.29
N THR A 20 1.30 -11.08 -5.79
CA THR A 20 0.15 -10.93 -6.68
C THR A 20 -1.13 -11.29 -5.95
N THR A 21 -2.12 -10.41 -6.08
CA THR A 21 -3.41 -10.62 -5.45
C THR A 21 -4.51 -9.85 -6.19
N LYS A 22 -5.72 -10.36 -6.06
CA LYS A 22 -6.86 -9.73 -6.71
C LYS A 22 -7.63 -8.90 -5.69
N GLY A 23 -7.77 -7.62 -5.98
CA GLY A 23 -8.48 -6.71 -5.10
C GLY A 23 -9.89 -6.42 -5.62
N LYS A 24 -10.65 -5.71 -4.81
CA LYS A 24 -12.02 -5.37 -5.18
C LYS A 24 -12.14 -3.84 -5.30
N ILE A 25 -12.90 -3.42 -6.30
CA ILE A 25 -13.10 -2.00 -6.53
C ILE A 25 -13.92 -1.41 -5.37
N GLY A 26 -13.25 -0.58 -4.58
CA GLY A 26 -13.89 0.05 -3.44
C GLY A 26 -13.30 -0.47 -2.13
N ASP A 27 -12.28 -1.29 -2.26
CA ASP A 27 -11.62 -1.87 -1.09
C ASP A 27 -11.41 -0.77 -0.04
N SER A 28 -11.06 -1.21 1.16
CA SER A 28 -10.83 -0.27 2.25
C SER A 28 -9.39 -0.41 2.74
N LEU A 29 -9.13 0.22 3.88
CA LEU A 29 -7.80 0.18 4.47
C LEU A 29 -7.20 -1.21 4.27
N LEU A 30 -5.98 -1.21 3.74
CA LEU A 30 -5.28 -2.47 3.50
C LEU A 30 -6.24 -3.46 2.83
N ASP A 31 -6.77 -4.36 3.64
CA ASP A 31 -7.70 -5.36 3.16
C ASP A 31 -6.97 -6.30 2.19
N VAL A 32 -6.66 -5.77 1.02
CA VAL A 32 -5.97 -6.54 0.01
C VAL A 32 -5.00 -7.52 0.68
N VAL A 33 -4.38 -7.03 1.76
CA VAL A 33 -3.44 -7.85 2.50
C VAL A 33 -4.17 -9.06 3.08
N VAL A 34 -5.16 -8.79 3.91
CA VAL A 34 -5.94 -9.85 4.54
C VAL A 34 -6.89 -10.45 3.50
N GLN A 35 -7.67 -9.58 2.87
CA GLN A 35 -8.63 -10.01 1.87
C GLN A 35 -8.07 -11.20 1.09
N ASN A 36 -6.75 -11.18 0.89
CA ASN A 36 -6.09 -12.25 0.16
C ASN A 36 -5.21 -13.05 1.13
N ASN A 37 -4.78 -12.37 2.18
CA ASN A 37 -3.94 -13.02 3.18
C ASN A 37 -2.49 -13.01 2.70
N LEU A 38 -2.22 -12.17 1.72
CA LEU A 38 -0.88 -12.07 1.17
C LEU A 38 0.14 -12.12 2.30
N ASP A 39 1.37 -12.45 1.93
CA ASP A 39 2.44 -12.54 2.90
C ASP A 39 3.35 -11.32 2.76
N ILE A 40 2.77 -10.15 3.00
CA ILE A 40 3.51 -8.91 2.90
C ILE A 40 4.15 -8.59 4.25
N ASP A 41 5.32 -9.17 4.48
CA ASP A 41 6.03 -8.96 5.72
C ASP A 41 6.03 -7.46 6.05
N GLY A 42 5.39 -7.13 7.17
CA GLY A 42 5.31 -5.75 7.60
C GLY A 42 3.92 -5.16 7.32
N PHE A 43 2.95 -6.05 7.23
CA PHE A 43 1.58 -5.64 6.96
C PHE A 43 1.25 -4.35 7.71
N GLY A 44 0.27 -3.63 7.18
CA GLY A 44 -0.16 -2.38 7.78
C GLY A 44 -0.42 -2.56 9.27
N ALA A 45 0.55 -2.11 10.07
CA ALA A 45 0.44 -2.20 11.52
C ALA A 45 -0.79 -1.24 10.96
N CYS A 46 -1.39 -0.64 11.57
CA CYS A 46 -2.71 -0.10 11.88
C CYS A 46 -2.68 -1.06 10.53
N GLU A 47 -3.44 -1.40 9.95
CA GLU A 47 -4.41 -1.83 8.95
C GLU A 47 -4.64 -0.72 7.93
N GLY A 48 -4.06 0.43 8.21
CA GLY A 48 -4.21 1.58 7.33
C GLY A 48 -4.96 2.72 8.02
N THR A 49 -5.12 3.82 7.29
CA THR A 49 -5.81 4.97 7.83
C THR A 49 -4.94 5.69 8.86
N LEU A 50 -3.64 5.68 8.59
CA LEU A 50 -2.69 6.33 9.50
C LEU A 50 -1.52 6.88 8.68
N ALA A 51 -0.33 6.70 9.22
CA ALA A 51 0.87 7.17 8.56
C ALA A 51 2.09 6.42 9.10
N CYS A 52 1.85 5.19 9.51
CA CYS A 52 2.91 4.35 10.05
C CYS A 52 4.01 4.23 8.99
N SER A 53 4.20 3.00 8.55
CA SER A 53 5.22 2.72 7.54
C SER A 53 5.13 1.26 7.10
N THR A 54 3.92 0.72 7.16
CA THR A 54 3.69 -0.66 6.77
C THR A 54 2.88 -0.73 5.47
N CYS A 55 2.35 0.42 5.09
CA CYS A 55 1.54 0.50 3.88
C CYS A 55 2.35 1.30 2.84
N HIS A 56 3.42 1.92 3.31
CA HIS A 56 4.26 2.71 2.44
C HIS A 56 4.34 2.06 1.06
N LEU A 57 5.22 1.07 0.96
CA LEU A 57 5.40 0.35 -0.28
C LEU A 57 5.62 1.35 -1.42
N ILE A 58 5.88 0.82 -2.60
CA ILE A 58 6.11 1.65 -3.77
C ILE A 58 4.85 1.67 -4.64
N PHE A 59 4.21 2.82 -4.69
CA PHE A 59 3.01 2.98 -5.49
C PHE A 59 3.25 3.91 -6.68
N GLU A 60 2.87 3.41 -7.85
CA GLU A 60 3.05 4.19 -9.07
C GLU A 60 2.73 5.66 -8.82
N GLN A 61 3.44 6.52 -9.53
CA GLN A 61 3.26 7.95 -9.39
C GLN A 61 1.86 8.35 -9.88
N HIS A 62 1.22 7.41 -10.56
CA HIS A 62 -0.11 7.64 -11.08
C HIS A 62 -1.14 7.51 -9.96
N ILE A 63 -0.64 7.12 -8.79
CA ILE A 63 -1.51 6.96 -7.64
C ILE A 63 -0.99 7.82 -6.48
N PHE A 64 0.31 7.70 -6.24
CA PHE A 64 0.95 8.47 -5.18
C PHE A 64 0.67 9.96 -5.35
N GLU A 65 1.27 10.53 -6.39
CA GLU A 65 1.09 11.94 -6.67
C GLU A 65 -0.39 12.32 -6.61
N LYS A 66 -1.23 11.31 -6.77
CA LYS A 66 -2.68 11.53 -6.73
C LYS A 66 -3.15 11.48 -5.29
N LEU A 67 -2.41 12.16 -4.42
CA LEU A 67 -2.74 12.21 -3.01
C LEU A 67 -2.24 13.52 -2.40
N GLU A 68 -3.05 14.56 -2.58
CA GLU A 68 -2.70 15.87 -2.05
C GLU A 68 -3.08 15.97 -0.58
N ALA A 69 -2.37 15.23 0.25
CA ALA A 69 -2.62 15.23 1.68
C ALA A 69 -1.33 14.87 2.42
N ILE A 70 -1.09 15.60 3.50
CA ILE A 70 0.10 15.37 4.31
C ILE A 70 -0.27 15.49 5.79
N THR A 71 0.77 15.61 6.61
CA THR A 71 0.57 15.74 8.04
C THR A 71 0.98 17.14 8.52
N ASP A 72 0.79 17.36 9.81
CA ASP A 72 1.13 18.64 10.41
C ASP A 72 2.53 19.06 9.95
N GLU A 73 3.50 18.25 10.31
CA GLU A 73 4.88 18.52 9.94
C GLU A 73 5.16 18.02 8.52
N GLU A 74 4.11 18.05 7.70
CA GLU A 74 4.23 17.60 6.32
C GLU A 74 4.86 16.21 6.27
N ASN A 75 4.54 15.41 7.27
CA ASN A 75 5.07 14.05 7.34
C ASN A 75 4.16 13.11 6.55
N ASP A 76 3.07 12.71 7.17
CA ASP A 76 2.12 11.82 6.53
C ASP A 76 2.88 10.67 5.87
N MET A 77 3.54 9.88 6.71
CA MET A 77 4.30 8.74 6.22
C MET A 77 5.43 9.19 5.29
N LEU A 78 6.23 10.12 5.79
CA LEU A 78 7.34 10.65 5.02
C LEU A 78 8.59 9.80 5.29
N ASP A 79 9.67 10.47 5.62
CA ASP A 79 10.92 9.80 5.90
C ASP A 79 10.67 8.67 6.90
N LEU A 80 9.54 8.75 7.58
CA LEU A 80 9.17 7.75 8.57
C LEU A 80 9.79 6.40 8.17
N ALA A 81 9.83 6.16 6.86
CA ALA A 81 10.39 4.93 6.34
C ALA A 81 10.91 5.17 4.93
N TYR A 82 12.19 4.86 4.75
CA TYR A 82 12.82 5.04 3.44
C TYR A 82 11.95 4.45 2.34
N GLY A 83 12.40 4.68 1.10
CA GLY A 83 11.67 4.17 -0.06
C GLY A 83 10.94 5.31 -0.76
N LEU A 84 10.88 6.45 -0.10
CA LEU A 84 10.21 7.61 -0.67
C LEU A 84 10.92 8.03 -1.94
N THR A 85 10.51 7.42 -3.04
CA THR A 85 11.09 7.73 -4.34
C THR A 85 10.13 8.56 -5.18
N ASP A 86 9.71 7.97 -6.29
CA ASP A 86 8.78 8.65 -7.18
C ASP A 86 7.43 7.94 -7.14
N ARG A 87 7.44 6.74 -6.60
CA ARG A 87 6.23 5.95 -6.49
C ARG A 87 6.14 5.28 -5.12
N SER A 88 5.96 6.10 -4.10
CA SER A 88 5.86 5.59 -2.74
C SER A 88 5.48 6.73 -1.79
N ARG A 89 4.62 6.39 -0.83
CA ARG A 89 4.16 7.37 0.14
C ARG A 89 3.12 6.74 1.08
N LEU A 90 1.95 6.46 0.50
CA LEU A 90 0.88 5.85 1.27
C LEU A 90 -0.24 5.42 0.32
N GLY A 91 -0.86 4.30 0.65
CA GLY A 91 -1.94 3.77 -0.17
C GLY A 91 -2.85 2.87 0.65
N CYS A 92 -2.92 3.15 1.95
CA CYS A 92 -3.75 2.38 2.86
C CYS A 92 -5.04 3.15 3.10
N GLN A 93 -4.88 4.45 3.37
CA GLN A 93 -6.03 5.30 3.63
C GLN A 93 -6.72 5.66 2.32
N ILE A 94 -7.08 4.62 1.57
CA ILE A 94 -7.75 4.81 0.29
C ILE A 94 -8.38 3.48 -0.15
N CYS A 95 -9.27 3.58 -1.12
CA CYS A 95 -9.95 2.40 -1.63
C CYS A 95 -9.30 2.03 -2.98
N LEU A 96 -9.64 0.85 -3.45
CA LEU A 96 -9.11 0.37 -4.71
C LEU A 96 -9.62 1.25 -5.85
N THR A 97 -8.95 1.15 -6.99
CA THR A 97 -9.33 1.93 -8.15
C THR A 97 -8.83 1.25 -9.44
N LYS A 98 -9.29 1.77 -10.56
CA LYS A 98 -8.91 1.22 -11.85
C LYS A 98 -7.50 1.70 -12.20
N ALA A 99 -7.25 2.97 -11.94
CA ALA A 99 -5.95 3.56 -12.21
C ALA A 99 -4.86 2.72 -11.53
N MET A 100 -5.29 1.97 -10.53
CA MET A 100 -4.37 1.12 -9.79
C MET A 100 -4.28 -0.27 -10.40
N ASP A 101 -5.45 -0.87 -10.63
CA ASP A 101 -5.52 -2.19 -11.21
C ASP A 101 -4.22 -2.47 -11.98
N ASN A 102 -3.50 -3.47 -11.49
CA ASN A 102 -2.23 -3.85 -12.11
C ASN A 102 -1.10 -3.01 -11.51
N MET A 103 -1.29 -2.61 -10.26
CA MET A 103 -0.30 -1.81 -9.57
C MET A 103 0.71 -2.70 -8.84
N THR A 104 1.98 -2.49 -9.17
CA THR A 104 3.05 -3.26 -8.54
C THR A 104 3.60 -2.53 -7.33
N VAL A 105 3.12 -2.93 -6.16
CA VAL A 105 3.54 -2.33 -4.91
C VAL A 105 4.69 -3.15 -4.31
N ARG A 106 5.77 -2.46 -4.00
CA ARG A 106 6.93 -3.12 -3.42
C ARG A 106 7.32 -2.44 -2.10
N VAL A 107 7.61 -3.28 -1.12
CA VAL A 107 8.00 -2.77 0.20
C VAL A 107 9.47 -2.39 0.18
N PRO A 108 9.79 -1.29 0.92
CA PRO A 108 11.16 -0.81 0.98
C PRO A 108 12.01 -1.70 1.87
N ASP A 109 13.30 -1.36 1.95
CA ASP A 109 14.24 -2.13 2.75
C ASP A 109 15.64 -1.55 2.60
N ALA A 110 15.95 -0.62 3.48
CA ALA A 110 17.26 0.03 3.45
C ALA A 110 17.54 0.67 4.81
FE1 FES B . -1.05 2.06 9.13
FE2 FES B . -0.70 2.78 6.55
S1 FES B . -0.86 4.27 8.12
S2 FES B . -0.99 0.86 7.51
N ASP A 5 -16.44 -6.57 -10.79
CA ASP A 5 -15.64 -5.36 -10.64
C ASP A 5 -14.51 -5.63 -9.65
N LYS A 6 -13.50 -6.34 -10.13
CA LYS A 6 -12.35 -6.67 -9.30
C LYS A 6 -11.09 -6.04 -9.91
N ILE A 7 -10.08 -5.88 -9.07
CA ILE A 7 -8.83 -5.30 -9.50
C ILE A 7 -7.67 -6.16 -9.00
N THR A 8 -6.66 -6.30 -9.85
CA THR A 8 -5.49 -7.09 -9.50
C THR A 8 -4.37 -6.19 -8.99
N VAL A 9 -3.48 -6.77 -8.21
CA VAL A 9 -2.36 -6.05 -7.65
C VAL A 9 -1.14 -6.96 -7.59
N HIS A 10 0.03 -6.34 -7.59
CA HIS A 10 1.28 -7.07 -7.53
C HIS A 10 2.06 -6.67 -6.28
N PHE A 11 2.48 -7.69 -5.54
CA PHE A 11 3.24 -7.45 -4.32
C PHE A 11 4.70 -7.87 -4.49
N ILE A 12 5.59 -6.97 -4.13
CA ILE A 12 7.02 -7.23 -4.24
C ILE A 12 7.50 -7.92 -2.96
N ASN A 13 8.50 -8.78 -3.14
CA ASN A 13 9.06 -9.51 -2.01
C ASN A 13 10.58 -9.34 -2.01
N ARG A 14 11.27 -10.41 -1.62
CA ARG A 14 12.71 -10.39 -1.57
C ARG A 14 13.29 -11.55 -2.40
N ASP A 15 12.61 -12.67 -2.34
CA ASP A 15 13.03 -13.85 -3.07
C ASP A 15 12.86 -13.59 -4.57
N GLY A 16 11.61 -13.63 -5.01
CA GLY A 16 11.29 -13.41 -6.40
C GLY A 16 10.61 -12.06 -6.61
N GLU A 17 10.26 -11.44 -5.49
CA GLU A 17 9.60 -10.14 -5.53
C GLU A 17 8.74 -10.02 -6.78
N THR A 18 7.44 -10.21 -6.59
CA THR A 18 6.50 -10.13 -7.69
C THR A 18 5.19 -10.84 -7.33
N LEU A 19 4.86 -10.78 -6.05
CA LEU A 19 3.64 -11.41 -5.56
C LEU A 19 2.45 -10.87 -6.35
N THR A 20 1.29 -10.93 -5.72
CA THR A 20 0.07 -10.46 -6.34
C THR A 20 -1.15 -10.89 -5.53
N THR A 21 -2.29 -10.30 -5.86
CA THR A 21 -3.53 -10.60 -5.17
C THR A 21 -4.70 -9.88 -5.83
N LYS A 22 -5.81 -10.61 -5.97
CA LYS A 22 -7.00 -10.05 -6.57
C LYS A 22 -7.79 -9.27 -5.52
N GLY A 23 -8.16 -8.06 -5.89
CA GLY A 23 -8.92 -7.20 -4.98
C GLY A 23 -10.26 -6.80 -5.60
N LYS A 24 -11.03 -6.05 -4.82
CA LYS A 24 -12.33 -5.60 -5.28
C LYS A 24 -12.41 -4.08 -5.15
N ILE A 25 -12.88 -3.44 -6.22
CA ILE A 25 -13.02 -2.00 -6.23
C ILE A 25 -13.90 -1.57 -5.06
N GLY A 26 -13.26 -1.04 -4.03
CA GLY A 26 -13.97 -0.58 -2.86
C GLY A 26 -13.61 -1.43 -1.63
N ASP A 27 -12.55 -2.21 -1.78
CA ASP A 27 -12.10 -3.07 -0.70
C ASP A 27 -12.09 -2.28 0.60
N SER A 28 -11.91 -3.00 1.70
CA SER A 28 -11.86 -2.38 3.02
C SER A 28 -10.42 -2.16 3.44
N LEU A 29 -10.26 -1.83 4.72
CA LEU A 29 -8.94 -1.60 5.28
C LEU A 29 -8.26 -2.94 5.56
N LEU A 30 -6.93 -2.88 5.65
CA LEU A 30 -6.15 -4.07 5.91
C LEU A 30 -6.72 -5.24 5.11
N ASP A 31 -7.01 -4.95 3.84
CA ASP A 31 -7.56 -5.96 2.96
C ASP A 31 -6.56 -6.26 1.85
N VAL A 32 -7.05 -6.91 0.80
CA VAL A 32 -6.21 -7.26 -0.33
C VAL A 32 -5.19 -8.31 0.11
N VAL A 33 -4.02 -7.83 0.52
CA VAL A 33 -2.96 -8.71 0.97
C VAL A 33 -3.56 -9.83 1.81
N VAL A 34 -3.94 -9.48 3.03
CA VAL A 34 -4.52 -10.44 3.95
C VAL A 34 -5.63 -11.22 3.23
N GLN A 35 -6.43 -10.48 2.48
CA GLN A 35 -7.53 -11.09 1.74
C GLN A 35 -7.08 -12.42 1.12
N ASN A 36 -5.81 -12.46 0.73
CA ASN A 36 -5.24 -13.66 0.13
C ASN A 36 -4.20 -14.25 1.08
N ASN A 37 -3.72 -13.41 1.99
CA ASN A 37 -2.72 -13.83 2.95
C ASN A 37 -1.34 -13.74 2.32
N LEU A 38 -1.24 -12.88 1.32
CA LEU A 38 0.02 -12.70 0.61
C LEU A 38 1.17 -12.71 1.62
N ASP A 39 2.34 -13.10 1.13
CA ASP A 39 3.52 -13.16 1.97
C ASP A 39 3.51 -11.97 2.95
N ILE A 40 3.50 -10.78 2.38
CA ILE A 40 3.49 -9.57 3.20
C ILE A 40 4.25 -9.83 4.49
N ASP A 41 5.57 -9.97 4.36
CA ASP A 41 6.41 -10.21 5.51
C ASP A 41 6.21 -9.10 6.53
N GLY A 42 5.25 -9.33 7.43
CA GLY A 42 4.95 -8.36 8.46
C GLY A 42 3.45 -8.34 8.76
N PHE A 43 2.66 -8.44 7.70
CA PHE A 43 1.22 -8.43 7.83
C PHE A 43 0.77 -7.41 8.89
N GLY A 44 0.45 -6.21 8.41
CA GLY A 44 0.01 -5.15 9.29
C GLY A 44 0.85 -5.13 10.58
N ALA A 45 2.01 -4.50 10.49
CA ALA A 45 2.90 -4.41 11.63
C ALA A 45 1.54 -3.53 11.98
N CYS A 46 1.46 -2.85 12.79
CA CYS A 46 0.64 -2.30 13.85
C CYS A 46 -0.16 -3.36 12.89
N GLU A 47 -1.10 -3.77 12.98
CA GLU A 47 -2.45 -4.29 12.88
C GLU A 47 -3.42 -3.20 12.39
N GLY A 48 -2.83 -2.14 11.85
CA GLY A 48 -3.62 -1.03 11.35
C GLY A 48 -3.80 0.05 12.41
N THR A 49 -4.75 0.94 12.16
CA THR A 49 -5.03 2.02 13.09
C THR A 49 -3.93 3.07 13.02
N LEU A 50 -3.01 2.86 12.09
CA LEU A 50 -1.91 3.80 11.92
C LEU A 50 -0.90 3.60 13.05
N ALA A 51 0.34 3.35 12.67
CA ALA A 51 1.39 3.13 13.65
C ALA A 51 2.65 2.62 12.94
N CYS A 52 2.43 1.86 11.89
CA CYS A 52 3.52 1.29 11.12
C CYS A 52 3.50 1.93 9.72
N SER A 53 4.34 1.39 8.85
CA SER A 53 4.42 1.89 7.48
C SER A 53 4.42 0.72 6.49
N THR A 54 4.16 -0.47 7.03
CA THR A 54 4.13 -1.66 6.21
C THR A 54 2.68 -2.11 5.98
N CYS A 55 1.93 -1.24 5.32
CA CYS A 55 0.53 -1.52 5.03
C CYS A 55 0.30 -1.33 3.53
N HIS A 56 0.37 -0.07 3.11
CA HIS A 56 0.17 0.27 1.71
C HIS A 56 1.45 -0.05 0.93
N LEU A 57 2.57 0.40 1.47
CA LEU A 57 3.86 0.16 0.83
C LEU A 57 3.94 1.01 -0.44
N ILE A 58 5.10 0.93 -1.09
CA ILE A 58 5.32 1.68 -2.32
C ILE A 58 4.11 1.54 -3.22
N PHE A 59 3.66 2.67 -3.75
CA PHE A 59 2.51 2.68 -4.63
C PHE A 59 2.82 3.43 -5.92
N GLU A 60 2.71 2.71 -7.03
CA GLU A 60 2.97 3.29 -8.34
C GLU A 60 2.81 4.81 -8.28
N GLN A 61 3.94 5.49 -8.37
CA GLN A 61 3.95 6.95 -8.32
C GLN A 61 2.85 7.50 -9.24
N HIS A 62 2.49 6.71 -10.23
CA HIS A 62 1.47 7.11 -11.18
C HIS A 62 0.10 7.11 -10.48
N ILE A 63 0.12 6.69 -9.22
CA ILE A 63 -1.10 6.63 -8.44
C ILE A 63 -1.01 7.62 -7.27
N PHE A 64 0.11 7.55 -6.57
CA PHE A 64 0.34 8.42 -5.43
C PHE A 64 0.65 9.84 -5.90
N GLU A 65 1.71 9.95 -6.70
CA GLU A 65 2.12 11.25 -7.22
C GLU A 65 0.90 12.05 -7.69
N LYS A 66 -0.16 11.31 -8.00
CA LYS A 66 -1.39 11.94 -8.47
C LYS A 66 -2.18 12.47 -7.26
N LEU A 67 -1.45 13.12 -6.37
CA LEU A 67 -2.06 13.68 -5.18
C LEU A 67 -1.30 14.93 -4.75
N GLU A 68 -1.91 16.07 -5.03
CA GLU A 68 -1.29 17.35 -4.68
C GLU A 68 -1.80 17.83 -3.32
N ALA A 69 -1.49 17.05 -2.30
CA ALA A 69 -1.90 17.38 -0.95
C ALA A 69 -1.34 16.35 0.03
N ILE A 70 -0.43 16.81 0.86
CA ILE A 70 0.20 15.94 1.85
C ILE A 70 1.09 16.79 2.77
N THR A 71 0.82 16.65 4.06
CA THR A 71 1.59 17.39 5.06
C THR A 71 1.60 16.64 6.39
N ASP A 72 2.35 17.18 7.34
CA ASP A 72 2.45 16.58 8.65
C ASP A 72 1.08 16.06 9.08
N GLU A 73 0.05 16.76 8.62
CA GLU A 73 -1.32 16.38 8.94
C GLU A 73 -1.72 15.12 8.16
N GLU A 74 -1.53 15.18 6.85
CA GLU A 74 -1.87 14.07 5.99
C GLU A 74 -1.03 12.84 6.37
N ASN A 75 0.28 13.03 6.33
CA ASN A 75 1.20 11.95 6.67
C ASN A 75 0.67 11.18 7.88
N ASP A 76 0.75 11.83 9.03
CA ASP A 76 0.28 11.21 10.26
C ASP A 76 1.32 10.20 10.75
N MET A 77 1.52 9.17 9.94
CA MET A 77 2.47 8.13 10.28
C MET A 77 3.71 8.21 9.38
N LEU A 78 3.46 8.49 8.11
CA LEU A 78 4.54 8.60 7.14
C LEU A 78 5.64 9.49 7.71
N ASP A 79 5.60 10.76 7.33
CA ASP A 79 6.59 11.71 7.79
C ASP A 79 7.92 11.46 7.07
N LEU A 80 8.48 10.29 7.33
CA LEU A 80 9.75 9.92 6.71
C LEU A 80 9.85 8.39 6.66
N ALA A 81 8.74 7.76 6.28
CA ALA A 81 8.70 6.31 6.19
C ALA A 81 9.92 5.82 5.43
N TYR A 82 10.96 5.48 6.19
CA TYR A 82 12.18 4.98 5.60
C TYR A 82 11.90 4.21 4.30
N GLY A 83 12.10 4.90 3.19
CA GLY A 83 11.87 4.30 1.89
C GLY A 83 10.89 5.13 1.05
N LEU A 84 10.03 5.84 1.76
CA LEU A 84 9.03 6.68 1.10
C LEU A 84 9.74 7.61 0.11
N THR A 85 9.13 7.75 -1.06
CA THR A 85 9.68 8.60 -2.09
C THR A 85 8.59 9.49 -2.69
N ASP A 86 7.93 8.97 -3.71
CA ASP A 86 6.87 9.71 -4.37
C ASP A 86 5.86 8.72 -4.96
N ARG A 87 5.83 7.54 -4.38
CA ARG A 87 4.93 6.49 -4.84
C ARG A 87 4.22 5.83 -3.65
N SER A 88 5.00 5.57 -2.62
CA SER A 88 4.46 4.95 -1.42
C SER A 88 3.47 5.89 -0.75
N ARG A 89 2.61 5.29 0.07
CA ARG A 89 1.61 6.06 0.79
C ARG A 89 0.82 5.15 1.74
N LEU A 90 1.07 5.35 3.03
CA LEU A 90 0.39 4.56 4.05
C LEU A 90 -1.11 4.82 3.97
N GLY A 91 -1.88 3.73 4.00
CA GLY A 91 -3.32 3.83 3.93
C GLY A 91 -3.98 3.06 5.09
N CYS A 92 -4.10 1.76 4.89
CA CYS A 92 -4.71 0.91 5.90
C CYS A 92 -6.06 1.51 6.29
N GLN A 93 -6.59 2.31 5.38
CA GLN A 93 -7.88 2.94 5.61
C GLN A 93 -8.44 3.51 4.30
N ILE A 94 -8.04 2.88 3.21
CA ILE A 94 -8.49 3.32 1.90
C ILE A 94 -9.01 2.11 1.11
N CYS A 95 -10.05 2.35 0.33
CA CYS A 95 -10.65 1.29 -0.47
C CYS A 95 -9.89 1.20 -1.80
N LEU A 96 -9.93 0.02 -2.39
CA LEU A 96 -9.25 -0.21 -3.66
C LEU A 96 -9.65 0.88 -4.64
N THR A 97 -9.00 0.87 -5.79
CA THR A 97 -9.28 1.85 -6.82
C THR A 97 -8.94 1.28 -8.20
N LYS A 98 -9.31 2.02 -9.23
CA LYS A 98 -9.06 1.61 -10.60
C LYS A 98 -7.59 1.88 -10.94
N ALA A 99 -7.02 2.83 -10.22
CA ALA A 99 -5.63 3.19 -10.43
C ALA A 99 -4.73 2.05 -9.98
N MET A 100 -5.10 1.45 -8.85
CA MET A 100 -4.34 0.35 -8.29
C MET A 100 -4.54 -0.93 -9.11
N ASP A 101 -5.37 -0.80 -10.14
CA ASP A 101 -5.66 -1.94 -11.01
C ASP A 101 -4.37 -2.38 -11.70
N ASN A 102 -3.75 -3.39 -11.10
CA ASN A 102 -2.50 -3.92 -11.65
C ASN A 102 -1.33 -3.08 -11.15
N MET A 103 -1.37 -2.78 -9.86
CA MET A 103 -0.31 -1.98 -9.25
C MET A 103 0.71 -2.87 -8.54
N THR A 104 1.95 -2.40 -8.53
CA THR A 104 3.03 -3.14 -7.90
C THR A 104 3.41 -2.49 -6.57
N VAL A 105 3.06 -3.18 -5.49
CA VAL A 105 3.36 -2.67 -4.15
C VAL A 105 4.70 -3.26 -3.68
N ARG A 106 5.50 -2.40 -3.08
CA ARG A 106 6.81 -2.80 -2.59
C ARG A 106 7.03 -2.28 -1.17
N VAL A 107 7.35 -3.20 -0.26
CA VAL A 107 7.59 -2.84 1.11
C VAL A 107 8.93 -2.10 1.23
N PRO A 108 8.95 -1.08 2.12
CA PRO A 108 10.16 -0.29 2.33
C PRO A 108 11.19 -1.08 3.15
N ASP A 109 10.75 -2.21 3.66
CA ASP A 109 11.61 -3.07 4.45
C ASP A 109 11.88 -2.39 5.81
N ALA A 110 11.12 -2.82 6.80
CA ALA A 110 11.26 -2.27 8.14
C ALA A 110 11.32 -3.42 9.16
FE1 FES B . -0.05 -0.36 10.57
FE2 FES B . -1.54 0.13 8.36
S1 FES B . -0.72 1.74 9.56
S2 FES B . -1.00 -1.70 9.39
N ASP A 5 -16.49 -5.00 -11.01
CA ASP A 5 -15.22 -4.53 -11.54
C ASP A 5 -14.12 -4.75 -10.49
N LYS A 6 -13.29 -5.75 -10.75
CA LYS A 6 -12.21 -6.08 -9.84
C LYS A 6 -10.90 -5.48 -10.38
N ILE A 7 -9.90 -5.47 -9.51
CA ILE A 7 -8.60 -4.93 -9.89
C ILE A 7 -7.50 -5.89 -9.42
N THR A 8 -6.31 -5.66 -9.93
CA THR A 8 -5.17 -6.50 -9.57
C THR A 8 -4.12 -5.67 -8.82
N VAL A 9 -3.19 -6.38 -8.19
CA VAL A 9 -2.13 -5.74 -7.44
C VAL A 9 -0.90 -6.63 -7.44
N HIS A 10 0.25 -6.00 -7.24
CA HIS A 10 1.51 -6.72 -7.21
C HIS A 10 2.32 -6.29 -5.98
N PHE A 11 2.50 -7.25 -5.07
CA PHE A 11 3.25 -6.99 -3.86
C PHE A 11 4.66 -7.56 -3.94
N ILE A 12 5.63 -6.67 -3.91
CA ILE A 12 7.03 -7.08 -3.99
C ILE A 12 7.51 -7.51 -2.61
N ASN A 13 7.71 -8.81 -2.45
CA ASN A 13 8.17 -9.36 -1.19
C ASN A 13 9.51 -8.73 -0.82
N ARG A 14 9.84 -8.81 0.46
CA ARG A 14 11.08 -8.24 0.95
C ARG A 14 12.26 -8.78 0.15
N ASP A 15 12.05 -9.96 -0.43
CA ASP A 15 13.09 -10.60 -1.23
C ASP A 15 12.86 -10.27 -2.70
N GLY A 16 11.61 -9.97 -3.02
CA GLY A 16 11.25 -9.63 -4.40
C GLY A 16 10.38 -10.73 -5.01
N GLU A 17 9.91 -11.62 -4.16
CA GLU A 17 9.07 -12.72 -4.61
C GLU A 17 7.65 -12.23 -4.83
N THR A 18 7.47 -11.44 -5.88
CA THR A 18 6.16 -10.91 -6.21
C THR A 18 5.07 -11.92 -5.87
N LEU A 19 4.10 -11.46 -5.09
CA LEU A 19 2.99 -12.31 -4.70
C LEU A 19 1.82 -12.11 -5.66
N THR A 20 1.46 -10.85 -5.84
CA THR A 20 0.35 -10.51 -6.72
C THR A 20 -0.95 -11.09 -6.20
N THR A 21 -2.00 -10.28 -6.27
CA THR A 21 -3.31 -10.71 -5.81
C THR A 21 -4.40 -9.82 -6.41
N LYS A 22 -5.57 -10.42 -6.59
CA LYS A 22 -6.70 -9.70 -7.15
C LYS A 22 -7.44 -8.96 -6.03
N GLY A 23 -8.05 -7.84 -6.41
CA GLY A 23 -8.79 -7.04 -5.44
C GLY A 23 -10.10 -6.52 -6.05
N LYS A 24 -11.03 -6.19 -5.16
CA LYS A 24 -12.33 -5.68 -5.60
C LYS A 24 -12.48 -4.23 -5.16
N ILE A 25 -13.33 -3.52 -5.88
CA ILE A 25 -13.57 -2.12 -5.58
C ILE A 25 -14.21 -2.01 -4.18
N GLY A 26 -13.49 -1.34 -3.30
CA GLY A 26 -13.96 -1.15 -1.94
C GLY A 26 -13.14 -1.99 -0.96
N ASP A 27 -12.01 -2.47 -1.44
CA ASP A 27 -11.11 -3.28 -0.61
C ASP A 27 -9.88 -2.47 -0.26
N SER A 28 -9.38 -2.71 0.95
CA SER A 28 -8.20 -2.00 1.43
C SER A 28 -6.96 -2.90 1.28
N LEU A 29 -5.82 -2.25 1.22
CA LEU A 29 -4.56 -2.98 1.08
C LEU A 29 -4.58 -4.19 2.00
N LEU A 30 -4.93 -3.95 3.25
CA LEU A 30 -4.99 -5.01 4.24
C LEU A 30 -5.92 -6.12 3.73
N ASP A 31 -7.04 -5.69 3.17
CA ASP A 31 -8.01 -6.63 2.65
C ASP A 31 -7.41 -7.38 1.47
N VAL A 32 -7.07 -6.64 0.43
CA VAL A 32 -6.49 -7.22 -0.76
C VAL A 32 -5.54 -8.36 -0.35
N VAL A 33 -4.68 -8.04 0.61
CA VAL A 33 -3.72 -9.03 1.09
C VAL A 33 -4.48 -10.21 1.71
N VAL A 34 -5.06 -9.97 2.86
CA VAL A 34 -5.81 -11.00 3.56
C VAL A 34 -6.74 -11.70 2.57
N GLN A 35 -7.16 -10.95 1.56
CA GLN A 35 -8.05 -11.49 0.54
C GLN A 35 -7.42 -12.73 -0.10
N ASN A 36 -6.10 -12.74 -0.12
CA ASN A 36 -5.37 -13.86 -0.70
C ASN A 36 -4.34 -14.37 0.32
N ASN A 37 -4.39 -13.79 1.50
CA ASN A 37 -3.47 -14.17 2.56
C ASN A 37 -2.03 -13.86 2.13
N LEU A 38 -1.92 -12.85 1.27
CA LEU A 38 -0.62 -12.42 0.77
C LEU A 38 0.39 -12.46 1.92
N ASP A 39 1.66 -12.55 1.54
CA ASP A 39 2.73 -12.59 2.52
C ASP A 39 3.23 -11.16 2.78
N ILE A 40 2.31 -10.31 3.23
CA ILE A 40 2.65 -8.93 3.51
C ILE A 40 3.47 -8.87 4.81
N ASP A 41 4.76 -9.10 4.65
CA ASP A 41 5.66 -9.07 5.79
C ASP A 41 5.41 -7.79 6.60
N GLY A 42 4.77 -7.96 7.74
CA GLY A 42 4.47 -6.84 8.60
C GLY A 42 2.97 -6.73 8.85
N PHE A 43 2.23 -6.54 7.77
CA PHE A 43 0.79 -6.42 7.86
C PHE A 43 0.39 -5.29 8.81
N GLY A 44 -0.87 -4.89 8.70
CA GLY A 44 -1.39 -3.83 9.56
C GLY A 44 -1.57 -4.32 11.00
N ALA A 45 -1.04 -3.54 11.93
CA ALA A 45 -1.13 -3.89 13.33
C ALA A 45 -2.24 -2.71 12.90
N CYS A 46 -2.82 -2.18 13.54
CA CYS A 46 -4.06 -1.53 13.94
C CYS A 46 -5.23 -1.86 13.05
N GLU A 47 -5.06 -2.76 12.10
CA GLU A 47 -6.14 -3.12 11.18
C GLU A 47 -6.66 -1.87 10.48
N GLY A 48 -5.80 -1.28 9.66
CA GLY A 48 -6.17 -0.07 8.92
C GLY A 48 -7.11 0.81 9.75
N THR A 49 -6.51 1.56 10.66
CA THR A 49 -7.28 2.45 11.51
C THR A 49 -6.40 3.59 12.02
N LEU A 50 -5.29 3.80 11.32
CA LEU A 50 -4.36 4.86 11.69
C LEU A 50 -4.10 4.81 13.19
N ALA A 51 -3.03 4.12 13.57
CA ALA A 51 -2.68 4.00 14.97
C ALA A 51 -1.31 3.32 15.08
N CYS A 52 -1.15 2.23 14.34
CA CYS A 52 0.10 1.50 14.35
C CYS A 52 1.15 2.34 13.62
N SER A 53 0.74 2.93 12.52
CA SER A 53 1.63 3.76 11.73
C SER A 53 2.81 2.92 11.24
N THR A 54 2.50 1.72 10.78
CA THR A 54 3.51 0.82 10.27
C THR A 54 3.26 0.50 8.79
N CYS A 55 1.99 0.55 8.42
CA CYS A 55 1.60 0.28 7.05
C CYS A 55 2.25 1.33 6.14
N HIS A 56 2.82 0.86 5.05
CA HIS A 56 3.47 1.76 4.10
C HIS A 56 3.95 0.94 2.89
N LEU A 57 3.40 1.27 1.74
CA LEU A 57 3.76 0.60 0.51
C LEU A 57 4.11 1.63 -0.55
N ILE A 58 4.77 1.16 -1.62
CA ILE A 58 5.17 2.03 -2.70
C ILE A 58 4.17 1.89 -3.85
N PHE A 59 3.34 2.92 -4.00
CA PHE A 59 2.35 2.92 -5.06
C PHE A 59 2.76 3.83 -6.20
N GLU A 60 2.60 3.32 -7.42
CA GLU A 60 2.95 4.08 -8.61
C GLU A 60 2.58 5.54 -8.43
N GLN A 61 3.59 6.40 -8.51
CA GLN A 61 3.37 7.83 -8.37
C GLN A 61 2.23 8.29 -9.28
N HIS A 62 2.05 7.55 -10.36
CA HIS A 62 1.02 7.87 -11.32
C HIS A 62 -0.36 7.73 -10.65
N ILE A 63 -0.35 7.18 -9.46
CA ILE A 63 -1.57 6.99 -8.70
C ILE A 63 -1.56 7.88 -7.46
N PHE A 64 -0.45 7.81 -6.74
CA PHE A 64 -0.29 8.61 -5.53
C PHE A 64 -0.08 10.09 -5.88
N GLU A 65 0.95 10.33 -6.67
CA GLU A 65 1.26 11.70 -7.08
C GLU A 65 -0.01 12.43 -7.51
N LYS A 66 -0.98 11.65 -7.95
CA LYS A 66 -2.25 12.22 -8.38
C LYS A 66 -2.89 12.99 -7.22
N LEU A 67 -2.38 12.72 -6.03
CA LEU A 67 -2.89 13.38 -4.84
C LEU A 67 -1.78 14.23 -4.22
N GLU A 68 -1.38 15.26 -4.94
CA GLU A 68 -0.32 16.15 -4.47
C GLU A 68 -0.79 16.90 -3.22
N ALA A 69 -0.84 16.16 -2.12
CA ALA A 69 -1.26 16.73 -0.85
C ALA A 69 -0.68 15.91 0.29
N ILE A 70 0.36 16.46 0.92
CA ILE A 70 1.02 15.79 2.03
C ILE A 70 2.08 16.71 2.62
N THR A 71 2.04 16.85 3.94
CA THR A 71 2.98 17.69 4.64
C THR A 71 3.12 17.25 6.09
N ASP A 72 4.07 17.86 6.78
CA ASP A 72 4.32 17.54 8.18
C ASP A 72 2.98 17.27 8.87
N GLU A 73 1.96 18.00 8.41
CA GLU A 73 0.63 17.85 8.98
C GLU A 73 -0.04 16.59 8.44
N GLU A 74 -0.35 16.64 7.15
CA GLU A 74 -1.01 15.51 6.50
C GLU A 74 -0.40 14.19 6.98
N ASN A 75 0.92 14.12 6.92
CA ASN A 75 1.63 12.94 7.35
C ASN A 75 1.03 12.43 8.65
N ASP A 76 1.21 13.21 9.71
CA ASP A 76 0.68 12.86 11.02
C ASP A 76 0.95 11.38 11.27
N MET A 77 -0.01 10.55 10.89
CA MET A 77 0.10 9.12 11.07
C MET A 77 0.84 8.47 9.91
N LEU A 78 1.99 9.05 9.59
CA LEU A 78 2.80 8.55 8.49
C LEU A 78 3.52 7.27 8.94
N ASP A 79 4.84 7.29 8.83
CA ASP A 79 5.64 6.15 9.22
C ASP A 79 7.09 6.59 9.43
N LEU A 80 7.50 7.52 8.58
CA LEU A 80 8.86 8.04 8.66
C LEU A 80 9.85 6.94 8.23
N ALA A 81 9.33 5.97 7.50
CA ALA A 81 10.14 4.87 7.01
C ALA A 81 10.24 4.93 5.49
N TYR A 82 11.35 4.43 4.98
CA TYR A 82 11.59 4.42 3.55
C TYR A 82 10.30 4.09 2.79
N GLY A 83 10.23 4.57 1.56
CA GLY A 83 9.08 4.34 0.72
C GLY A 83 8.19 5.58 0.65
N LEU A 84 8.06 6.24 1.78
CA LEU A 84 7.24 7.44 1.85
C LEU A 84 7.90 8.55 1.03
N THR A 85 7.84 8.38 -0.28
CA THR A 85 8.42 9.35 -1.19
C THR A 85 7.33 10.06 -2.00
N ASP A 86 7.26 9.70 -3.27
CA ASP A 86 6.26 10.28 -4.16
C ASP A 86 5.37 9.17 -4.71
N ARG A 87 5.69 7.94 -4.33
CA ARG A 87 4.93 6.79 -4.78
C ARG A 87 4.66 5.84 -3.61
N SER A 88 4.14 6.42 -2.53
CA SER A 88 3.83 5.64 -1.35
C SER A 88 2.65 6.28 -0.60
N ARG A 89 1.60 5.49 -0.44
CA ARG A 89 0.40 5.95 0.24
C ARG A 89 -0.05 4.92 1.27
N LEU A 90 -0.60 5.42 2.37
CA LEU A 90 -1.08 4.56 3.43
C LEU A 90 -1.87 3.40 2.82
N GLY A 91 -1.38 2.20 3.08
CA GLY A 91 -2.02 1.01 2.56
C GLY A 91 -2.71 0.22 3.68
N CYS A 92 -3.99 0.51 3.87
CA CYS A 92 -4.76 -0.16 4.90
C CYS A 92 -6.17 0.44 4.90
N GLN A 93 -6.23 1.74 4.67
CA GLN A 93 -7.51 2.44 4.65
C GLN A 93 -7.98 2.63 3.20
N ILE A 94 -7.13 3.27 2.42
CA ILE A 94 -7.44 3.52 1.02
C ILE A 94 -8.08 2.28 0.41
N CYS A 95 -9.29 2.45 -0.10
CA CYS A 95 -10.02 1.35 -0.71
C CYS A 95 -9.55 1.21 -2.16
N LEU A 96 -9.93 0.09 -2.76
CA LEU A 96 -9.56 -0.17 -4.14
C LEU A 96 -10.24 0.86 -5.05
N THR A 97 -9.67 1.02 -6.23
CA THR A 97 -10.21 1.96 -7.21
C THR A 97 -9.75 1.60 -8.61
N LYS A 98 -10.34 2.28 -9.59
CA LYS A 98 -10.01 2.04 -10.99
C LYS A 98 -8.76 2.84 -11.35
N ALA A 99 -7.73 2.68 -10.53
CA ALA A 99 -6.48 3.38 -10.75
C ALA A 99 -5.32 2.52 -10.26
N MET A 100 -5.52 1.92 -9.10
CA MET A 100 -4.51 1.06 -8.50
C MET A 100 -4.58 -0.35 -9.08
N ASP A 101 -5.17 -0.44 -10.27
CA ASP A 101 -5.31 -1.73 -10.93
C ASP A 101 -3.95 -2.17 -11.45
N ASN A 102 -3.41 -3.21 -10.82
CA ASN A 102 -2.12 -3.74 -11.20
C ASN A 102 -1.01 -2.93 -10.53
N MET A 103 -1.40 -2.20 -9.50
CA MET A 103 -0.46 -1.38 -8.77
C MET A 103 0.66 -2.23 -8.15
N THR A 104 1.88 -1.76 -8.33
CA THR A 104 3.04 -2.47 -7.80
C THR A 104 3.43 -1.90 -6.44
N VAL A 105 2.92 -2.54 -5.40
CA VAL A 105 3.21 -2.10 -4.05
C VAL A 105 4.44 -2.84 -3.53
N ARG A 106 5.42 -2.06 -3.09
CA ARG A 106 6.65 -2.64 -2.57
C ARG A 106 6.87 -2.20 -1.12
N VAL A 107 7.26 -3.16 -0.30
CA VAL A 107 7.51 -2.89 1.11
C VAL A 107 9.01 -2.68 1.33
N PRO A 108 9.32 -1.66 2.17
CA PRO A 108 10.70 -1.34 2.47
C PRO A 108 11.32 -2.36 3.43
N ASP A 109 12.55 -2.10 3.83
CA ASP A 109 13.25 -2.99 4.74
C ASP A 109 13.35 -2.33 6.12
N ALA A 110 12.30 -2.50 6.90
CA ALA A 110 12.26 -1.92 8.24
C ALA A 110 12.86 -2.92 9.23
FE1 FES B . -2.46 0.50 11.07
FE2 FES B . -2.29 1.19 8.45
S1 FES B . -2.19 2.68 10.04
S2 FES B . -2.65 -0.70 9.45
N ASP A 5 -16.60 -5.69 -10.56
CA ASP A 5 -15.41 -4.97 -10.96
C ASP A 5 -14.27 -5.34 -10.01
N LYS A 6 -13.28 -6.04 -10.58
CA LYS A 6 -12.12 -6.46 -9.80
C LYS A 6 -10.88 -5.73 -10.31
N ILE A 7 -9.81 -5.83 -9.53
CA ILE A 7 -8.55 -5.18 -9.89
C ILE A 7 -7.40 -6.16 -9.66
N THR A 8 -6.20 -5.64 -9.76
CA THR A 8 -5.01 -6.45 -9.56
C THR A 8 -3.92 -5.64 -8.85
N VAL A 9 -3.02 -6.35 -8.18
CA VAL A 9 -1.93 -5.72 -7.47
C VAL A 9 -0.66 -6.54 -7.65
N HIS A 10 0.46 -5.93 -7.28
CA HIS A 10 1.75 -6.59 -7.39
C HIS A 10 2.60 -6.25 -6.17
N PHE A 11 2.68 -7.22 -5.25
CA PHE A 11 3.46 -7.03 -4.04
C PHE A 11 4.89 -7.54 -4.24
N ILE A 12 5.84 -6.62 -4.15
CA ILE A 12 7.24 -6.96 -4.30
C ILE A 12 7.82 -7.38 -2.95
N ASN A 13 7.90 -8.69 -2.76
CA ASN A 13 8.42 -9.23 -1.51
C ASN A 13 9.85 -8.72 -1.30
N ARG A 14 10.31 -8.85 -0.06
CA ARG A 14 11.65 -8.40 0.28
C ARG A 14 12.67 -8.99 -0.70
N ASP A 15 12.36 -10.19 -1.17
CA ASP A 15 13.25 -10.87 -2.12
C ASP A 15 12.96 -10.37 -3.53
N GLY A 16 11.71 -9.96 -3.73
CA GLY A 16 11.28 -9.46 -5.04
C GLY A 16 10.41 -10.48 -5.75
N GLU A 17 10.03 -11.51 -5.00
CA GLU A 17 9.19 -12.56 -5.55
C GLU A 17 7.74 -12.08 -5.68
N THR A 18 7.54 -11.16 -6.62
CA THR A 18 6.21 -10.61 -6.85
C THR A 18 5.14 -11.65 -6.52
N LEU A 19 4.24 -11.27 -5.62
CA LEU A 19 3.17 -12.15 -5.21
C LEU A 19 1.96 -11.94 -6.13
N THR A 20 1.61 -10.66 -6.29
CA THR A 20 0.48 -10.31 -7.14
C THR A 20 -0.82 -10.83 -6.54
N THR A 21 -1.86 -10.02 -6.66
CA THR A 21 -3.16 -10.40 -6.14
C THR A 21 -4.27 -9.63 -6.87
N LYS A 22 -5.49 -10.15 -6.76
CA LYS A 22 -6.63 -9.53 -7.39
C LYS A 22 -7.69 -9.22 -6.34
N GLY A 23 -8.04 -7.96 -6.24
CA GLY A 23 -9.04 -7.52 -5.28
C GLY A 23 -10.30 -6.99 -5.99
N LYS A 24 -11.13 -6.31 -5.22
CA LYS A 24 -12.35 -5.74 -5.75
C LYS A 24 -12.43 -4.26 -5.38
N ILE A 25 -12.97 -3.48 -6.31
CA ILE A 25 -13.11 -2.05 -6.07
C ILE A 25 -13.94 -1.80 -4.82
N GLY A 26 -13.24 -1.53 -3.74
CA GLY A 26 -13.90 -1.28 -2.46
C GLY A 26 -13.31 -2.16 -1.35
N ASP A 27 -12.42 -3.05 -1.77
CA ASP A 27 -11.78 -3.95 -0.82
C ASP A 27 -10.85 -3.14 0.09
N SER A 28 -11.13 -3.23 1.39
CA SER A 28 -10.33 -2.53 2.38
C SER A 28 -10.00 -3.46 3.54
N LEU A 29 -9.41 -2.86 4.58
CA LEU A 29 -9.05 -3.62 5.76
C LEU A 29 -8.11 -4.77 5.35
N LEU A 30 -7.30 -4.50 4.35
CA LEU A 30 -6.35 -5.49 3.86
C LEU A 30 -7.12 -6.70 3.34
N ASP A 31 -7.91 -6.47 2.31
CA ASP A 31 -8.71 -7.53 1.72
C ASP A 31 -8.03 -8.02 0.44
N VAL A 32 -7.81 -7.08 -0.47
CA VAL A 32 -7.16 -7.40 -1.74
C VAL A 32 -6.18 -8.55 -1.54
N VAL A 33 -5.32 -8.38 -0.53
CA VAL A 33 -4.33 -9.40 -0.23
C VAL A 33 -5.03 -10.65 0.30
N VAL A 34 -5.55 -10.53 1.51
CA VAL A 34 -6.25 -11.64 2.14
C VAL A 34 -7.08 -12.37 1.09
N GLN A 35 -7.89 -11.60 0.37
CA GLN A 35 -8.74 -12.16 -0.67
C GLN A 35 -7.99 -13.28 -1.41
N ASN A 36 -6.73 -13.02 -1.68
CA ASN A 36 -5.89 -13.99 -2.39
C ASN A 36 -5.04 -14.75 -1.38
N ASN A 37 -4.84 -14.12 -0.23
CA ASN A 37 -4.05 -14.74 0.82
C ASN A 37 -2.56 -14.49 0.55
N LEU A 38 -2.28 -13.30 0.03
CA LEU A 38 -0.90 -12.93 -0.28
C LEU A 38 0.00 -13.29 0.90
N ASP A 39 1.30 -13.18 0.66
CA ASP A 39 2.28 -13.49 1.69
C ASP A 39 3.15 -12.26 1.94
N ILE A 40 2.51 -11.18 2.38
CA ILE A 40 3.21 -9.95 2.66
C ILE A 40 3.59 -9.90 4.14
N ASP A 41 4.44 -10.84 4.53
CA ASP A 41 4.88 -10.92 5.91
C ASP A 41 3.71 -10.59 6.83
N GLY A 42 2.72 -11.46 6.83
CA GLY A 42 1.54 -11.27 7.66
C GLY A 42 0.78 -10.00 7.25
N PHE A 43 0.29 -10.02 6.02
CA PHE A 43 -0.45 -8.90 5.49
C PHE A 43 -1.16 -8.14 6.62
N GLY A 44 -1.04 -6.81 6.55
CA GLY A 44 -1.66 -5.96 7.56
C GLY A 44 -1.25 -6.39 8.97
N ALA A 45 0.03 -6.22 9.25
CA ALA A 45 0.57 -6.58 10.55
C ALA A 45 -0.61 -5.47 10.86
N CYS A 46 -0.71 -4.98 11.82
CA CYS A 46 -1.66 -4.47 12.79
C CYS A 46 -2.35 -4.90 11.36
N GLU A 47 -3.34 -4.96 11.09
CA GLU A 47 -4.67 -4.95 10.52
C GLU A 47 -5.05 -3.53 10.09
N GLY A 48 -4.07 -2.65 10.14
CA GLY A 48 -4.28 -1.26 9.75
C GLY A 48 -4.49 -0.38 10.99
N THR A 49 -3.51 0.49 11.23
CA THR A 49 -3.57 1.39 12.37
C THR A 49 -2.78 2.66 12.08
N LEU A 50 -1.54 2.47 11.64
CA LEU A 50 -0.67 3.58 11.33
C LEU A 50 0.64 3.05 10.74
N ALA A 51 1.43 2.43 11.60
CA ALA A 51 2.71 1.87 11.18
C ALA A 51 2.46 0.64 10.31
N CYS A 52 2.73 -0.52 10.90
CA CYS A 52 2.55 -1.78 10.19
C CYS A 52 2.82 -1.54 8.71
N SER A 53 4.07 -1.72 8.32
CA SER A 53 4.47 -1.53 6.93
C SER A 53 4.10 -2.77 6.11
N THR A 54 2.80 -3.01 6.02
CA THR A 54 2.30 -4.16 5.28
C THR A 54 0.84 -3.94 4.89
N CYS A 55 0.54 -2.73 4.45
CA CYS A 55 -0.81 -2.38 4.04
C CYS A 55 -0.75 -1.81 2.63
N HIS A 56 -0.37 -0.54 2.55
CA HIS A 56 -0.28 0.13 1.26
C HIS A 56 1.12 -0.07 0.68
N LEU A 57 2.07 0.68 1.23
CA LEU A 57 3.45 0.58 0.77
C LEU A 57 3.61 1.40 -0.51
N ILE A 58 4.83 1.40 -1.03
CA ILE A 58 5.12 2.14 -2.25
C ILE A 58 4.02 1.88 -3.27
N PHE A 59 3.37 2.97 -3.69
CA PHE A 59 2.30 2.88 -4.67
C PHE A 59 2.86 2.84 -6.09
N GLU A 60 1.96 2.58 -7.03
CA GLU A 60 2.35 2.52 -8.43
C GLU A 60 2.63 3.92 -8.97
N GLN A 61 2.56 4.89 -8.07
CA GLN A 61 2.80 6.28 -8.43
C GLN A 61 1.53 6.92 -9.00
N HIS A 62 0.94 6.22 -9.98
CA HIS A 62 -0.27 6.70 -10.61
C HIS A 62 -1.41 6.72 -9.58
N ILE A 63 -1.09 6.25 -8.39
CA ILE A 63 -2.07 6.22 -7.32
C ILE A 63 -1.84 7.39 -6.37
N PHE A 64 -0.58 7.57 -6.00
CA PHE A 64 -0.21 8.65 -5.10
C PHE A 64 0.29 9.86 -5.88
N GLU A 65 1.25 9.61 -6.76
CA GLU A 65 1.81 10.67 -7.57
C GLU A 65 0.72 11.62 -8.05
N LYS A 66 -0.49 11.08 -8.13
CA LYS A 66 -1.63 11.86 -8.58
C LYS A 66 -2.17 12.69 -7.40
N LEU A 67 -1.24 13.35 -6.71
CA LEU A 67 -1.60 14.17 -5.57
C LEU A 67 -0.40 15.05 -5.19
N GLU A 68 -0.53 16.33 -5.51
CA GLU A 68 0.52 17.28 -5.20
C GLU A 68 0.27 17.93 -3.83
N ALA A 69 0.36 17.10 -2.80
CA ALA A 69 0.15 17.57 -1.44
C ALA A 69 0.70 16.55 -0.46
N ILE A 70 1.53 17.03 0.45
CA ILE A 70 2.13 16.16 1.45
C ILE A 70 2.91 17.02 2.46
N THR A 71 2.65 16.76 3.73
CA THR A 71 3.32 17.49 4.79
C THR A 71 3.32 16.67 6.08
N ASP A 72 4.04 17.19 7.08
CA ASP A 72 4.12 16.52 8.36
C ASP A 72 2.76 15.94 8.72
N GLU A 73 1.71 16.61 8.25
CA GLU A 73 0.35 16.18 8.52
C GLU A 73 0.00 14.97 7.64
N GLU A 74 0.00 15.21 6.34
CA GLU A 74 -0.31 14.16 5.39
C GLU A 74 0.50 12.90 5.69
N ASN A 75 1.81 13.09 5.78
CA ASN A 75 2.71 11.98 6.07
C ASN A 75 2.06 11.06 7.09
N ASP A 76 1.79 11.61 8.27
CA ASP A 76 1.17 10.86 9.34
C ASP A 76 1.85 9.49 9.45
N MET A 77 1.26 8.51 8.77
CA MET A 77 1.80 7.16 8.79
C MET A 77 3.19 7.12 8.14
N LEU A 78 3.22 7.47 6.86
CA LEU A 78 4.47 7.47 6.11
C LEU A 78 5.58 8.01 7.00
N ASP A 79 5.36 9.22 7.51
CA ASP A 79 6.34 9.86 8.38
C ASP A 79 7.69 9.91 7.65
N LEU A 80 8.47 8.86 7.82
CA LEU A 80 9.78 8.78 7.20
C LEU A 80 10.05 7.34 6.79
N ALA A 81 9.04 6.73 6.19
CA ALA A 81 9.16 5.35 5.73
C ALA A 81 10.32 5.24 4.75
N TYR A 82 11.51 5.05 5.30
CA TYR A 82 12.71 4.93 4.50
C TYR A 82 12.66 5.88 3.31
N GLY A 83 13.25 7.05 3.50
CA GLY A 83 13.27 8.06 2.45
C GLY A 83 11.93 8.13 1.73
N LEU A 84 10.97 8.77 2.38
CA LEU A 84 9.64 8.92 1.81
C LEU A 84 9.77 9.17 0.31
N THR A 85 9.07 8.35 -0.45
CA THR A 85 9.08 8.47 -1.90
C THR A 85 7.76 9.07 -2.40
N ASP A 86 7.79 9.48 -3.66
CA ASP A 86 6.61 10.07 -4.27
C ASP A 86 5.68 8.96 -4.76
N ARG A 87 6.07 7.73 -4.46
CA ARG A 87 5.28 6.58 -4.85
C ARG A 87 5.01 5.67 -3.64
N SER A 88 4.51 6.29 -2.58
CA SER A 88 4.20 5.56 -1.37
C SER A 88 3.14 6.31 -0.55
N ARG A 89 2.15 5.56 -0.10
CA ARG A 89 1.07 6.13 0.69
C ARG A 89 0.47 5.07 1.61
N LEU A 90 0.98 5.04 2.83
CA LEU A 90 0.50 4.09 3.82
C LEU A 90 -1.02 4.16 3.90
N GLY A 91 -1.50 5.09 4.72
CA GLY A 91 -2.93 5.27 4.90
C GLY A 91 -3.67 3.94 4.70
N CYS A 92 -3.53 3.06 5.69
CA CYS A 92 -4.18 1.77 5.64
C CYS A 92 -5.63 1.95 6.09
N GLN A 93 -6.39 2.67 5.29
CA GLN A 93 -7.78 2.92 5.59
C GLN A 93 -8.53 3.40 4.34
N ILE A 94 -8.09 2.90 3.21
CA ILE A 94 -8.69 3.27 1.94
C ILE A 94 -9.10 2.00 1.18
N CYS A 95 -10.16 2.12 0.40
CA CYS A 95 -10.65 0.99 -0.37
C CYS A 95 -9.92 0.97 -1.72
N LEU A 96 -9.83 -0.22 -2.28
CA LEU A 96 -9.15 -0.38 -3.56
C LEU A 96 -9.78 0.56 -4.59
N THR A 97 -9.14 0.63 -5.75
CA THR A 97 -9.62 1.48 -6.82
C THR A 97 -9.31 0.87 -8.18
N LYS A 98 -9.80 1.52 -9.23
CA LYS A 98 -9.58 1.05 -10.58
C LYS A 98 -8.18 1.49 -11.04
N ALA A 99 -7.81 2.70 -10.64
CA ALA A 99 -6.51 3.25 -11.00
C ALA A 99 -5.41 2.36 -10.41
N MET A 100 -5.71 1.79 -9.25
CA MET A 100 -4.75 0.93 -8.58
C MET A 100 -4.71 -0.46 -9.25
N ASP A 101 -5.47 -0.59 -10.32
CA ASP A 101 -5.52 -1.84 -11.05
C ASP A 101 -4.13 -2.16 -11.60
N ASN A 102 -3.47 -3.11 -10.94
CA ASN A 102 -2.15 -3.52 -11.35
C ASN A 102 -1.11 -2.68 -10.61
N MET A 103 -1.46 -2.32 -9.38
CA MET A 103 -0.57 -1.51 -8.56
C MET A 103 0.58 -2.36 -7.99
N THR A 104 1.79 -1.89 -8.20
CA THR A 104 2.97 -2.59 -7.71
C THR A 104 3.42 -1.99 -6.38
N VAL A 105 2.95 -2.59 -5.31
CA VAL A 105 3.31 -2.14 -3.97
C VAL A 105 4.59 -2.82 -3.53
N ARG A 106 5.51 -2.02 -3.00
CA ARG A 106 6.78 -2.54 -2.53
C ARG A 106 7.05 -2.10 -1.09
N VAL A 107 6.99 -3.07 -0.19
CA VAL A 107 7.22 -2.79 1.22
C VAL A 107 8.57 -2.09 1.38
N PRO A 108 8.50 -0.77 1.72
CA PRO A 108 9.70 0.02 1.91
C PRO A 108 10.38 -0.32 3.24
N ASP A 109 9.91 0.35 4.28
CA ASP A 109 10.46 0.14 5.62
C ASP A 109 9.86 1.16 6.58
N ALA A 110 8.56 1.36 6.44
CA ALA A 110 7.85 2.30 7.30
C ALA A 110 8.37 2.17 8.73
FE1 FES B . -0.73 -1.65 10.31
FE2 FES B . -1.24 -0.12 8.13
S1 FES B . -0.46 0.75 9.97
S2 FES B . -1.56 -2.22 8.56
N ASP A 5 -16.69 -6.04 -10.51
CA ASP A 5 -15.48 -5.40 -10.99
C ASP A 5 -14.36 -5.62 -9.97
N LYS A 6 -13.24 -6.12 -10.46
CA LYS A 6 -12.09 -6.39 -9.61
C LYS A 6 -10.85 -5.77 -10.23
N ILE A 7 -9.81 -5.62 -9.41
CA ILE A 7 -8.57 -5.03 -9.86
C ILE A 7 -7.41 -5.95 -9.47
N THR A 8 -6.25 -5.65 -10.02
CA THR A 8 -5.06 -6.44 -9.73
C THR A 8 -4.04 -5.61 -8.95
N VAL A 9 -3.04 -6.30 -8.43
CA VAL A 9 -1.99 -5.63 -7.65
C VAL A 9 -0.77 -6.54 -7.59
N HIS A 10 0.39 -5.90 -7.42
CA HIS A 10 1.64 -6.63 -7.35
C HIS A 10 2.39 -6.23 -6.08
N PHE A 11 2.54 -7.19 -5.18
CA PHE A 11 3.24 -6.93 -3.94
C PHE A 11 4.66 -7.51 -3.97
N ILE A 12 5.62 -6.64 -3.66
CA ILE A 12 7.01 -7.05 -3.66
C ILE A 12 7.42 -7.44 -2.23
N ASN A 13 8.02 -8.62 -2.14
CA ASN A 13 8.46 -9.12 -0.85
C ASN A 13 9.84 -8.53 -0.52
N ARG A 14 10.45 -9.09 0.52
CA ARG A 14 11.75 -8.63 0.95
C ARG A 14 12.85 -9.35 0.16
N ASP A 15 12.65 -9.42 -1.15
CA ASP A 15 13.60 -10.07 -2.02
C ASP A 15 13.32 -9.69 -3.47
N GLY A 16 12.04 -9.61 -3.79
CA GLY A 16 11.62 -9.24 -5.13
C GLY A 16 10.75 -10.34 -5.75
N GLU A 17 10.23 -11.20 -4.88
CA GLU A 17 9.40 -12.30 -5.33
C GLU A 17 7.94 -11.84 -5.41
N THR A 18 7.66 -11.01 -6.40
CA THR A 18 6.31 -10.49 -6.60
C THR A 18 5.28 -11.57 -6.25
N LEU A 19 4.46 -11.25 -5.26
CA LEU A 19 3.42 -12.17 -4.82
C LEU A 19 2.21 -12.04 -5.74
N THR A 20 1.83 -10.80 -5.99
CA THR A 20 0.68 -10.52 -6.85
C THR A 20 -0.60 -11.04 -6.21
N THR A 21 -1.68 -10.31 -6.46
CA THR A 21 -2.97 -10.68 -5.92
C THR A 21 -4.08 -9.83 -6.54
N LYS A 22 -5.27 -10.40 -6.58
CA LYS A 22 -6.42 -9.71 -7.15
C LYS A 22 -7.15 -8.95 -6.03
N GLY A 23 -7.75 -7.83 -6.42
CA GLY A 23 -8.48 -7.00 -5.47
C GLY A 23 -9.83 -6.59 -6.04
N LYS A 24 -10.65 -6.01 -5.17
CA LYS A 24 -11.97 -5.56 -5.57
C LYS A 24 -12.07 -4.04 -5.41
N ILE A 25 -12.60 -3.41 -6.44
CA ILE A 25 -12.76 -1.95 -6.41
C ILE A 25 -13.66 -1.56 -5.25
N GLY A 26 -13.04 -0.92 -4.26
CA GLY A 26 -13.77 -0.48 -3.08
C GLY A 26 -13.39 -1.31 -1.86
N ASP A 27 -12.32 -2.08 -2.02
CA ASP A 27 -11.84 -2.92 -0.93
C ASP A 27 -11.74 -2.09 0.35
N SER A 28 -11.47 -2.77 1.46
CA SER A 28 -11.35 -2.11 2.74
C SER A 28 -11.03 -3.14 3.83
N LEU A 29 -10.58 -2.63 4.96
CA LEU A 29 -10.24 -3.49 6.08
C LEU A 29 -9.12 -4.45 5.66
N LEU A 30 -8.14 -3.90 4.96
CA LEU A 30 -7.01 -4.69 4.49
C LEU A 30 -7.52 -6.05 4.02
N ASP A 31 -8.12 -6.05 2.84
CA ASP A 31 -8.65 -7.28 2.26
C ASP A 31 -7.64 -7.83 1.25
N VAL A 32 -7.36 -7.03 0.24
CA VAL A 32 -6.42 -7.42 -0.79
C VAL A 32 -5.51 -8.53 -0.25
N VAL A 33 -4.70 -8.16 0.73
CA VAL A 33 -3.79 -9.11 1.34
C VAL A 33 -4.50 -10.45 1.56
N VAL A 34 -5.40 -10.44 2.53
CA VAL A 34 -6.16 -11.64 2.85
C VAL A 34 -6.82 -12.17 1.58
N GLN A 35 -7.39 -11.25 0.81
CA GLN A 35 -8.06 -11.61 -0.43
C GLN A 35 -7.41 -12.86 -1.04
N ASN A 36 -6.08 -12.85 -1.04
CA ASN A 36 -5.33 -13.96 -1.58
C ASN A 36 -4.51 -14.62 -0.46
N ASN A 37 -4.37 -13.89 0.62
CA ASN A 37 -3.61 -14.38 1.77
C ASN A 37 -2.12 -14.16 1.52
N LEU A 38 -1.82 -13.10 0.78
CA LEU A 38 -0.45 -12.76 0.48
C LEU A 38 0.39 -12.83 1.75
N ASP A 39 1.70 -12.72 1.57
CA ASP A 39 2.62 -12.78 2.69
C ASP A 39 2.51 -11.49 3.49
N ILE A 40 2.75 -10.38 2.81
CA ILE A 40 2.67 -9.07 3.45
C ILE A 40 3.56 -9.07 4.69
N ASP A 41 2.91 -9.05 5.85
CA ASP A 41 3.62 -9.06 7.11
C ASP A 41 2.61 -8.98 8.26
N GLY A 42 3.13 -9.10 9.47
CA GLY A 42 2.29 -9.05 10.65
C GLY A 42 1.79 -7.62 10.91
N PHE A 43 1.17 -7.06 9.89
CA PHE A 43 0.63 -5.71 9.98
C PHE A 43 -0.89 -5.73 10.05
N GLY A 44 -1.48 -4.55 9.90
CA GLY A 44 -2.92 -4.42 9.94
C GLY A 44 -3.46 -4.69 11.35
N ALA A 45 -2.81 -4.07 12.32
CA ALA A 45 -3.21 -4.23 13.71
C ALA A 45 -3.98 -2.92 13.05
N CYS A 46 -4.52 -2.21 13.59
CA CYS A 46 -5.66 -1.33 13.73
C CYS A 46 -5.70 -2.24 12.37
N GLU A 47 -6.44 -2.36 11.66
CA GLU A 47 -7.32 -2.49 10.52
C GLU A 47 -6.98 -1.45 9.45
N GLY A 48 -6.41 -0.34 9.91
CA GLY A 48 -6.03 0.73 9.02
C GLY A 48 -6.37 2.10 9.62
N THR A 49 -6.88 2.05 10.85
CA THR A 49 -7.25 3.27 11.54
C THR A 49 -6.25 4.39 11.22
N LEU A 50 -5.02 3.98 10.96
CA LEU A 50 -3.98 4.94 10.63
C LEU A 50 -3.37 5.48 11.92
N ALA A 51 -2.06 5.30 12.05
CA ALA A 51 -1.34 5.76 13.23
C ALA A 51 -1.38 4.67 14.30
N CYS A 52 -1.29 3.43 13.84
CA CYS A 52 -1.31 2.29 14.75
C CYS A 52 -0.15 1.37 14.39
N SER A 53 -0.28 0.74 13.22
CA SER A 53 0.75 -0.17 12.75
C SER A 53 1.38 0.38 11.47
N THR A 54 2.17 -0.46 10.83
CA THR A 54 2.85 -0.08 9.60
C THR A 54 1.82 0.20 8.49
N CYS A 55 1.87 -0.64 7.46
CA CYS A 55 0.95 -0.49 6.34
C CYS A 55 1.53 0.55 5.39
N HIS A 56 2.84 0.46 5.17
CA HIS A 56 3.51 1.38 4.28
C HIS A 56 4.13 0.61 3.11
N LEU A 57 3.68 0.96 1.92
CA LEU A 57 4.17 0.31 0.71
C LEU A 57 4.29 1.35 -0.41
N ILE A 58 5.13 1.03 -1.38
CA ILE A 58 5.35 1.92 -2.51
C ILE A 58 4.10 1.91 -3.40
N PHE A 59 3.89 3.03 -4.06
CA PHE A 59 2.74 3.17 -4.95
C PHE A 59 3.12 3.94 -6.22
N GLU A 60 2.62 3.44 -7.34
CA GLU A 60 2.90 4.07 -8.62
C GLU A 60 2.80 5.59 -8.50
N GLN A 61 3.87 6.25 -8.88
CA GLN A 61 3.93 7.70 -8.82
C GLN A 61 2.76 8.31 -9.60
N HIS A 62 2.38 7.61 -10.66
CA HIS A 62 1.28 8.06 -11.50
C HIS A 62 -0.04 7.50 -10.97
N ILE A 63 -0.03 7.16 -9.69
CA ILE A 63 -1.20 6.61 -9.04
C ILE A 63 -1.51 7.41 -7.77
N PHE A 64 -0.49 7.55 -6.94
CA PHE A 64 -0.63 8.28 -5.69
C PHE A 64 -0.27 9.75 -5.88
N GLU A 65 0.95 9.99 -6.34
CA GLU A 65 1.42 11.34 -6.57
C GLU A 65 0.31 12.18 -7.21
N LYS A 66 -0.60 11.49 -7.89
CA LYS A 66 -1.70 12.16 -8.55
C LYS A 66 -2.76 12.55 -7.51
N LEU A 67 -2.27 13.06 -6.39
CA LEU A 67 -3.16 13.48 -5.32
C LEU A 67 -2.51 14.63 -4.54
N GLU A 68 -3.35 15.39 -3.86
CA GLU A 68 -2.87 16.52 -3.08
C GLU A 68 -3.16 16.29 -1.59
N ALA A 69 -2.35 15.43 -0.99
CA ALA A 69 -2.51 15.12 0.41
C ALA A 69 -1.22 14.48 0.94
N ILE A 70 -0.75 15.01 2.06
CA ILE A 70 0.47 14.50 2.67
C ILE A 70 0.68 15.19 4.03
N THR A 71 1.81 14.88 4.64
CA THR A 71 2.14 15.45 5.93
C THR A 71 3.48 16.20 5.85
N ASP A 72 3.95 16.63 7.02
CA ASP A 72 5.21 17.34 7.10
C ASP A 72 5.96 17.17 5.78
N GLU A 73 6.39 15.95 5.54
CA GLU A 73 7.13 15.63 4.33
C GLU A 73 6.88 14.19 3.91
N GLU A 74 5.61 13.81 3.89
CA GLU A 74 5.23 12.47 3.51
C GLU A 74 5.14 11.57 4.75
N ASN A 75 4.79 12.20 5.86
CA ASN A 75 4.67 11.47 7.12
C ASN A 75 3.30 10.80 7.18
N ASP A 76 2.36 11.49 7.81
CA ASP A 76 1.01 10.97 7.94
C ASP A 76 1.06 9.46 8.15
N MET A 77 2.12 9.03 8.82
CA MET A 77 2.31 7.62 9.10
C MET A 77 3.05 6.93 7.95
N LEU A 78 4.08 7.61 7.47
CA LEU A 78 4.89 7.08 6.38
C LEU A 78 6.36 7.11 6.77
N ASP A 79 6.80 8.29 7.20
CA ASP A 79 8.18 8.47 7.62
C ASP A 79 9.10 8.20 6.42
N LEU A 80 10.07 9.08 6.26
CA LEU A 80 11.02 8.95 5.17
C LEU A 80 11.89 7.70 5.40
N ALA A 81 11.22 6.57 5.51
CA ALA A 81 11.91 5.32 5.73
C ALA A 81 12.50 4.83 4.41
N TYR A 82 13.79 4.55 4.44
CA TYR A 82 14.49 4.07 3.25
C TYR A 82 13.59 3.12 2.44
N GLY A 83 13.04 3.66 1.37
CA GLY A 83 12.17 2.89 0.50
C GLY A 83 11.36 3.79 -0.42
N LEU A 84 10.86 4.88 0.16
CA LEU A 84 10.06 5.82 -0.59
C LEU A 84 10.66 6.00 -1.99
N THR A 85 9.92 5.52 -2.98
CA THR A 85 10.38 5.61 -4.37
C THR A 85 9.37 6.40 -5.20
N ASP A 86 8.75 5.70 -6.14
CA ASP A 86 7.77 6.33 -7.01
C ASP A 86 6.93 7.32 -6.20
N ARG A 87 6.78 7.00 -4.91
CA ARG A 87 6.00 7.86 -4.03
C ARG A 87 5.82 7.18 -2.67
N SER A 88 5.34 5.95 -2.71
CA SER A 88 5.13 5.18 -1.50
C SER A 88 4.20 5.96 -0.55
N ARG A 89 3.37 5.20 0.16
CA ARG A 89 2.44 5.80 1.11
C ARG A 89 1.92 4.75 2.07
N LEU A 90 0.74 5.02 2.62
CA LEU A 90 0.13 4.11 3.57
C LEU A 90 -0.90 3.24 2.83
N GLY A 91 -0.99 1.99 3.27
CA GLY A 91 -1.92 1.05 2.66
C GLY A 91 -3.01 0.65 3.64
N CYS A 92 -3.73 1.66 4.13
CA CYS A 92 -4.81 1.42 5.07
C CYS A 92 -5.93 2.41 4.78
N GLN A 93 -7.12 2.09 5.29
CA GLN A 93 -8.27 2.93 5.08
C GLN A 93 -8.25 3.53 3.68
N ILE A 94 -7.70 2.77 2.75
CA ILE A 94 -7.61 3.22 1.37
C ILE A 94 -8.16 2.12 0.45
N CYS A 95 -9.47 2.17 0.25
CA CYS A 95 -10.14 1.20 -0.60
C CYS A 95 -9.40 1.13 -1.93
N LEU A 96 -9.64 0.06 -2.66
CA LEU A 96 -9.01 -0.13 -3.96
C LEU A 96 -9.54 0.91 -4.95
N THR A 97 -8.86 1.01 -6.07
CA THR A 97 -9.25 1.96 -7.11
C THR A 97 -8.69 1.53 -8.47
N LYS A 98 -9.10 2.27 -9.49
CA LYS A 98 -8.65 1.97 -10.84
C LYS A 98 -7.18 2.37 -10.98
N ALA A 99 -6.74 3.24 -10.08
CA ALA A 99 -5.38 3.70 -10.09
C ALA A 99 -4.44 2.55 -9.68
N MET A 100 -4.84 1.87 -8.61
CA MET A 100 -4.06 0.76 -8.11
C MET A 100 -4.30 -0.50 -8.94
N ASP A 101 -5.08 -0.33 -10.00
CA ASP A 101 -5.40 -1.44 -10.88
C ASP A 101 -4.11 -2.00 -11.48
N ASN A 102 -3.60 -3.04 -10.84
CA ASN A 102 -2.37 -3.68 -11.29
C ASN A 102 -1.18 -2.80 -10.89
N MET A 103 -1.16 -2.42 -9.64
CA MET A 103 -0.09 -1.58 -9.12
C MET A 103 0.96 -2.43 -8.39
N THR A 104 2.21 -1.99 -8.52
CA THR A 104 3.31 -2.70 -7.88
C THR A 104 3.66 -2.05 -6.55
N VAL A 105 3.12 -2.61 -5.48
CA VAL A 105 3.37 -2.10 -4.15
C VAL A 105 4.54 -2.86 -3.52
N ARG A 106 5.42 -2.10 -2.89
CA ARG A 106 6.59 -2.68 -2.24
C ARG A 106 6.81 -2.04 -0.87
N VAL A 107 7.28 -2.87 0.06
CA VAL A 107 7.53 -2.40 1.41
C VAL A 107 9.03 -2.53 1.71
N PRO A 108 9.60 -1.41 2.24
CA PRO A 108 11.02 -1.38 2.57
C PRO A 108 11.29 -2.16 3.85
N ASP A 109 11.19 -1.44 4.97
CA ASP A 109 11.42 -2.05 6.27
C ASP A 109 10.81 -1.16 7.36
N ALA A 110 10.34 -1.81 8.41
CA ALA A 110 9.72 -1.10 9.52
C ALA A 110 10.02 -1.85 10.83
FE1 FES B . -3.08 0.31 11.36
FE2 FES B . -2.18 0.91 8.88
S1 FES B . -2.14 2.38 10.49
S2 FES B . -3.13 -0.85 9.71
N ASP A 5 -16.14 -6.84 -10.71
CA ASP A 5 -15.22 -5.72 -10.80
C ASP A 5 -14.11 -5.90 -9.76
N LYS A 6 -13.05 -6.58 -10.18
CA LYS A 6 -11.92 -6.82 -9.31
C LYS A 6 -10.66 -6.23 -9.92
N ILE A 7 -9.65 -6.05 -9.09
CA ILE A 7 -8.39 -5.49 -9.54
C ILE A 7 -7.25 -6.43 -9.15
N THR A 8 -6.05 -5.88 -9.14
CA THR A 8 -4.87 -6.65 -8.80
C THR A 8 -3.85 -5.77 -8.06
N VAL A 9 -3.00 -6.44 -7.29
CA VAL A 9 -1.98 -5.74 -6.53
C VAL A 9 -0.76 -6.66 -6.36
N HIS A 10 0.40 -6.10 -6.67
CA HIS A 10 1.64 -6.86 -6.55
C HIS A 10 2.40 -6.39 -5.31
N PHE A 11 2.42 -7.26 -4.31
CA PHE A 11 3.11 -6.96 -3.07
C PHE A 11 4.59 -7.34 -3.15
N ILE A 12 5.34 -6.49 -3.83
CA ILE A 12 6.77 -6.73 -4.00
C ILE A 12 7.37 -7.16 -2.66
N ASN A 13 7.42 -8.47 -2.45
CA ASN A 13 7.95 -9.02 -1.22
C ASN A 13 9.43 -8.65 -1.11
N ARG A 14 10.17 -9.51 -0.43
CA ARG A 14 11.60 -9.29 -0.24
C ARG A 14 12.40 -10.42 -0.90
N ASP A 15 11.82 -11.61 -0.85
CA ASP A 15 12.48 -12.77 -1.43
C ASP A 15 12.46 -12.65 -2.95
N GLY A 16 11.28 -12.85 -3.52
CA GLY A 16 11.12 -12.77 -4.97
C GLY A 16 10.28 -11.55 -5.35
N GLU A 17 9.67 -10.94 -4.34
CA GLU A 17 8.85 -9.76 -4.57
C GLU A 17 7.99 -9.94 -5.82
N THR A 18 6.70 -10.09 -5.60
CA THR A 18 5.77 -10.28 -6.70
C THR A 18 4.55 -11.07 -6.24
N LEU A 19 4.26 -10.96 -4.95
CA LEU A 19 3.14 -11.67 -4.37
C LEU A 19 1.99 -11.70 -5.38
N THR A 20 1.53 -10.52 -5.75
CA THR A 20 0.44 -10.39 -6.71
C THR A 20 -0.85 -10.97 -6.13
N THR A 21 -1.81 -10.09 -5.93
CA THR A 21 -3.10 -10.50 -5.38
C THR A 21 -4.24 -9.73 -6.06
N LYS A 22 -5.37 -10.42 -6.19
CA LYS A 22 -6.53 -9.82 -6.82
C LYS A 22 -7.40 -9.15 -5.75
N GLY A 23 -7.73 -7.89 -5.99
CA GLY A 23 -8.55 -7.13 -5.06
C GLY A 23 -9.89 -6.78 -5.69
N LYS A 24 -10.74 -6.14 -4.89
CA LYS A 24 -12.06 -5.73 -5.34
C LYS A 24 -12.20 -4.22 -5.17
N ILE A 25 -12.87 -3.61 -6.13
CA ILE A 25 -13.10 -2.17 -6.09
C ILE A 25 -14.06 -1.84 -4.95
N GLY A 26 -13.49 -1.28 -3.89
CA GLY A 26 -14.29 -0.91 -2.73
C GLY A 26 -13.67 -1.47 -1.45
N ASP A 27 -12.63 -2.26 -1.62
CA ASP A 27 -11.94 -2.87 -0.49
C ASP A 27 -11.70 -1.79 0.58
N SER A 28 -11.22 -2.25 1.73
CA SER A 28 -10.94 -1.35 2.83
C SER A 28 -10.56 -2.15 4.08
N LEU A 29 -10.14 -1.43 5.10
CA LEU A 29 -9.73 -2.06 6.34
C LEU A 29 -8.91 -3.31 6.04
N LEU A 30 -7.88 -3.12 5.23
CA LEU A 30 -7.02 -4.24 4.86
C LEU A 30 -7.86 -5.31 4.16
N ASP A 31 -7.57 -5.50 2.88
CA ASP A 31 -8.30 -6.50 2.10
C ASP A 31 -7.35 -7.07 1.03
N VAL A 32 -7.95 -7.54 -0.05
CA VAL A 32 -7.19 -8.12 -1.14
C VAL A 32 -6.02 -8.93 -0.57
N VAL A 33 -4.91 -8.25 -0.39
CA VAL A 33 -3.72 -8.89 0.16
C VAL A 33 -4.10 -9.67 1.42
N VAL A 34 -4.85 -9.00 2.27
CA VAL A 34 -5.28 -9.61 3.52
C VAL A 34 -6.38 -10.64 3.23
N GLN A 35 -7.45 -10.16 2.62
CA GLN A 35 -8.57 -11.03 2.29
C GLN A 35 -8.06 -12.32 1.63
N ASN A 36 -7.00 -12.17 0.84
CA ASN A 36 -6.42 -13.30 0.16
C ASN A 36 -5.54 -14.09 1.14
N ASN A 37 -4.95 -13.36 2.07
CA ASN A 37 -4.09 -13.97 3.07
C ASN A 37 -2.64 -13.92 2.59
N LEU A 38 -2.43 -13.17 1.53
CA LEU A 38 -1.10 -13.02 0.96
C LEU A 38 -0.08 -12.87 2.09
N ASP A 39 1.18 -13.12 1.75
CA ASP A 39 2.25 -13.01 2.73
C ASP A 39 2.40 -11.55 3.16
N ILE A 40 1.41 -11.09 3.93
CA ILE A 40 1.44 -9.72 4.42
C ILE A 40 2.59 -9.55 5.41
N ASP A 41 3.73 -9.17 4.87
CA ASP A 41 4.92 -8.97 5.70
C ASP A 41 4.94 -7.53 6.21
N GLY A 42 4.32 -7.34 7.37
CA GLY A 42 4.26 -6.01 7.97
C GLY A 42 3.07 -5.22 7.42
N PHE A 43 2.82 -5.40 6.14
CA PHE A 43 1.72 -4.70 5.49
C PHE A 43 0.43 -4.82 6.31
N GLY A 44 0.04 -3.70 6.89
CA GLY A 44 -1.17 -3.66 7.70
C GLY A 44 -1.04 -4.58 8.93
N ALA A 45 -1.77 -4.23 9.97
CA ALA A 45 -1.74 -5.01 11.19
C ALA A 45 -2.73 -3.68 11.35
N CYS A 46 -3.13 -3.34 12.24
CA CYS A 46 -4.22 -2.78 13.03
C CYS A 46 -4.63 -3.12 11.47
N GLU A 47 -5.55 -3.10 11.01
CA GLU A 47 -6.74 -2.96 10.19
C GLU A 47 -7.16 -1.50 10.09
N GLY A 48 -6.30 -0.72 9.43
CA GLY A 48 -6.57 0.70 9.26
C GLY A 48 -5.41 1.54 9.79
N THR A 49 -5.39 2.79 9.35
CA THR A 49 -4.34 3.71 9.78
C THR A 49 -4.70 4.34 11.13
N LEU A 50 -3.83 4.12 12.10
CA LEU A 50 -4.04 4.67 13.42
C LEU A 50 -3.01 4.08 14.39
N ALA A 51 -3.01 2.76 14.48
CA ALA A 51 -2.08 2.06 15.35
C ALA A 51 -0.77 1.82 14.60
N CYS A 52 -0.65 0.62 14.06
CA CYS A 52 0.54 0.24 13.32
C CYS A 52 1.12 1.50 12.67
N SER A 53 0.22 2.39 12.28
CA SER A 53 0.62 3.65 11.65
C SER A 53 1.76 3.38 10.66
N THR A 54 1.42 2.66 9.60
CA THR A 54 2.39 2.33 8.57
C THR A 54 1.70 1.80 7.32
N CYS A 55 1.59 0.48 7.25
CA CYS A 55 0.95 -0.16 6.12
C CYS A 55 1.33 0.61 4.86
N HIS A 56 2.53 1.17 4.87
CA HIS A 56 3.02 1.94 3.74
C HIS A 56 3.44 0.98 2.62
N LEU A 57 4.06 1.55 1.60
CA LEU A 57 4.51 0.76 0.46
C LEU A 57 4.81 1.70 -0.71
N ILE A 58 5.51 1.15 -1.70
CA ILE A 58 5.86 1.92 -2.89
C ILE A 58 4.78 1.74 -3.95
N PHE A 59 4.02 2.81 -4.14
CA PHE A 59 2.94 2.79 -5.12
C PHE A 59 3.28 3.68 -6.32
N GLU A 60 2.86 3.23 -7.49
CA GLU A 60 3.10 3.97 -8.71
C GLU A 60 2.86 5.47 -8.48
N GLN A 61 3.92 6.24 -8.68
CA GLN A 61 3.83 7.68 -8.49
C GLN A 61 2.66 8.25 -9.30
N HIS A 62 2.24 7.48 -10.27
CA HIS A 62 1.13 7.90 -11.12
C HIS A 62 -0.20 7.62 -10.40
N ILE A 63 -0.08 7.18 -9.16
CA ILE A 63 -1.25 6.89 -8.35
C ILE A 63 -1.15 7.63 -7.02
N PHE A 64 0.00 7.48 -6.38
CA PHE A 64 0.23 8.13 -5.10
C PHE A 64 0.63 9.59 -5.30
N GLU A 65 1.72 9.79 -6.01
CA GLU A 65 2.22 11.13 -6.28
C GLU A 65 1.07 12.04 -6.71
N LYS A 66 0.03 11.42 -7.25
CA LYS A 66 -1.13 12.16 -7.71
C LYS A 66 -1.75 12.91 -6.52
N LEU A 67 -1.46 12.40 -5.34
CA LEU A 67 -1.98 13.01 -4.11
C LEU A 67 -1.72 14.52 -4.15
N GLU A 68 -2.50 15.24 -3.35
CA GLU A 68 -2.36 16.68 -3.29
C GLU A 68 -1.26 17.07 -2.29
N ALA A 69 -0.04 16.70 -2.64
CA ALA A 69 1.11 16.99 -1.79
C ALA A 69 1.03 16.14 -0.53
N ILE A 70 2.09 16.22 0.27
CA ILE A 70 2.16 15.45 1.50
C ILE A 70 2.85 16.29 2.58
N THR A 71 2.08 16.65 3.59
CA THR A 71 2.60 17.45 4.68
C THR A 71 2.48 16.69 6.01
N ASP A 72 3.03 17.30 7.05
CA ASP A 72 2.99 16.69 8.37
C ASP A 72 1.54 16.28 8.70
N GLU A 73 0.62 16.95 8.04
CA GLU A 73 -0.80 16.66 8.24
C GLU A 73 -1.25 15.51 7.34
N GLU A 74 -0.73 15.53 6.12
CA GLU A 74 -1.08 14.49 5.15
C GLU A 74 -0.37 13.18 5.51
N ASN A 75 0.87 13.32 5.96
CA ASN A 75 1.67 12.16 6.34
C ASN A 75 1.43 11.84 7.81
N ASP A 76 0.26 12.25 8.29
CA ASP A 76 -0.10 12.02 9.69
C ASP A 76 -0.36 10.52 9.89
N MET A 77 0.51 9.91 10.68
CA MET A 77 0.40 8.49 10.97
C MET A 77 1.18 7.65 9.95
N LEU A 78 1.94 8.36 9.11
CA LEU A 78 2.74 7.70 8.10
C LEU A 78 4.04 7.19 8.72
N ASP A 79 5.11 7.95 8.49
CA ASP A 79 6.41 7.58 9.03
C ASP A 79 6.95 6.37 8.26
N LEU A 80 6.19 5.96 7.27
CA LEU A 80 6.58 4.83 6.44
C LEU A 80 8.06 4.51 6.70
N ALA A 81 8.90 5.51 6.48
CA ALA A 81 10.33 5.35 6.69
C ALA A 81 10.97 4.81 5.40
N TYR A 82 12.18 5.28 5.14
CA TYR A 82 12.91 4.86 3.95
C TYR A 82 12.02 4.95 2.71
N GLY A 83 12.63 4.65 1.58
CA GLY A 83 11.91 4.70 0.31
C GLY A 83 10.93 5.88 0.28
N LEU A 84 11.32 6.95 0.95
CA LEU A 84 10.49 8.14 1.01
C LEU A 84 10.49 8.82 -0.36
N THR A 85 10.01 8.08 -1.35
CA THR A 85 9.95 8.59 -2.71
C THR A 85 8.58 9.23 -2.97
N ASP A 86 8.36 9.57 -4.23
CA ASP A 86 7.11 10.18 -4.63
C ASP A 86 6.11 9.09 -5.04
N ARG A 87 6.46 7.86 -4.69
CA ARG A 87 5.62 6.72 -5.01
C ARG A 87 5.47 5.80 -3.79
N SER A 88 5.21 6.41 -2.65
CA SER A 88 5.05 5.66 -1.42
C SER A 88 4.35 6.53 -0.37
N ARG A 89 3.51 5.87 0.42
CA ARG A 89 2.77 6.55 1.47
C ARG A 89 1.78 5.60 2.14
N LEU A 90 1.67 5.74 3.46
CA LEU A 90 0.77 4.90 4.23
C LEU A 90 -0.49 4.64 3.42
N GLY A 91 -0.99 3.42 3.52
CA GLY A 91 -2.19 3.03 2.81
C GLY A 91 -2.77 1.73 3.37
N CYS A 92 -4.01 1.81 3.83
CA CYS A 92 -4.68 0.64 4.39
C CYS A 92 -6.19 0.86 4.27
N GLN A 93 -6.62 2.06 4.64
CA GLN A 93 -8.02 2.41 4.59
C GLN A 93 -8.40 2.86 3.17
N ILE A 94 -7.38 3.21 2.40
CA ILE A 94 -7.59 3.66 1.04
C ILE A 94 -8.20 2.52 0.22
N CYS A 95 -9.51 2.52 0.12
CA CYS A 95 -10.22 1.49 -0.63
C CYS A 95 -9.49 1.27 -1.95
N LEU A 96 -9.83 0.18 -2.60
CA LEU A 96 -9.21 -0.15 -3.88
C LEU A 96 -9.65 0.85 -4.94
N THR A 97 -8.99 0.80 -6.08
CA THR A 97 -9.30 1.69 -7.18
C THR A 97 -8.82 1.10 -8.50
N LYS A 98 -9.11 1.83 -9.57
CA LYS A 98 -8.72 1.40 -10.90
C LYS A 98 -7.22 1.62 -11.08
N ALA A 99 -6.80 2.85 -10.85
CA ALA A 99 -5.41 3.21 -10.99
C ALA A 99 -4.56 2.28 -10.11
N MET A 100 -5.21 1.72 -9.10
CA MET A 100 -4.53 0.82 -8.18
C MET A 100 -4.53 -0.61 -8.72
N ASP A 101 -5.17 -0.78 -9.87
CA ASP A 101 -5.25 -2.08 -10.50
C ASP A 101 -3.86 -2.48 -11.01
N ASN A 102 -3.30 -3.51 -10.37
CA ASN A 102 -1.99 -4.01 -10.74
C ASN A 102 -0.92 -3.15 -10.05
N MET A 103 -1.34 -2.48 -8.98
CA MET A 103 -0.44 -1.64 -8.24
C MET A 103 0.68 -2.46 -7.59
N THR A 104 1.86 -2.34 -8.16
CA THR A 104 3.02 -3.07 -7.65
C THR A 104 3.57 -2.39 -6.40
N VAL A 105 2.95 -2.71 -5.27
CA VAL A 105 3.37 -2.15 -4.00
C VAL A 105 4.67 -2.81 -3.54
N ARG A 106 5.63 -1.97 -3.18
CA ARG A 106 6.92 -2.47 -2.73
C ARG A 106 7.30 -1.81 -1.40
N VAL A 107 7.72 -2.65 -0.47
CA VAL A 107 8.12 -2.17 0.84
C VAL A 107 9.46 -1.44 0.73
N PRO A 108 9.55 -0.30 1.47
CA PRO A 108 10.77 0.50 1.46
C PRO A 108 11.88 -0.17 2.27
N ASP A 109 11.62 -0.30 3.56
CA ASP A 109 12.59 -0.91 4.46
C ASP A 109 12.05 -0.89 5.89
N ALA A 110 11.66 0.29 6.32
CA ALA A 110 11.11 0.46 7.66
C ALA A 110 11.94 -0.36 8.65
FE1 FES B . -2.60 0.02 10.89
FE2 FES B . -2.56 1.63 8.72
S1 FES B . -2.11 2.39 10.70
S2 FES B . -3.11 -0.44 9.00
N ASP A 5 -15.79 -6.07 -11.45
CA ASP A 5 -14.78 -5.06 -11.72
C ASP A 5 -13.48 -5.45 -11.01
N LYS A 6 -13.47 -5.21 -9.71
CA LYS A 6 -12.29 -5.52 -8.90
C LYS A 6 -11.04 -4.97 -9.58
N ILE A 7 -9.91 -5.13 -8.90
CA ILE A 7 -8.66 -4.66 -9.43
C ILE A 7 -7.55 -5.66 -9.09
N THR A 8 -6.32 -5.25 -9.35
CA THR A 8 -5.17 -6.09 -9.06
C THR A 8 -4.01 -5.26 -8.52
N VAL A 9 -3.20 -5.89 -7.69
CA VAL A 9 -2.05 -5.23 -7.10
C VAL A 9 -0.89 -6.22 -7.00
N HIS A 10 0.32 -5.69 -7.19
CA HIS A 10 1.51 -6.51 -7.12
C HIS A 10 2.37 -6.07 -5.93
N PHE A 11 2.57 -7.00 -5.02
CA PHE A 11 3.36 -6.72 -3.83
C PHE A 11 4.77 -7.30 -3.97
N ILE A 12 5.73 -6.42 -4.22
CA ILE A 12 7.12 -6.83 -4.37
C ILE A 12 7.68 -7.21 -3.00
N ASN A 13 8.14 -8.45 -2.92
CA ASN A 13 8.71 -8.95 -1.69
C ASN A 13 10.16 -8.50 -1.57
N ARG A 14 10.85 -9.06 -0.59
CA ARG A 14 12.25 -8.72 -0.36
C ARG A 14 13.15 -9.60 -1.22
N ASP A 15 12.73 -9.80 -2.47
CA ASP A 15 13.49 -10.61 -3.40
C ASP A 15 13.07 -10.28 -4.83
N GLY A 16 11.77 -10.06 -4.99
CA GLY A 16 11.23 -9.73 -6.30
C GLY A 16 10.16 -10.75 -6.72
N GLU A 17 9.68 -11.50 -5.74
CA GLU A 17 8.67 -12.50 -5.99
C GLU A 17 7.28 -11.88 -5.89
N THR A 18 6.98 -11.01 -6.85
CA THR A 18 5.69 -10.34 -6.89
C THR A 18 4.58 -11.29 -6.43
N LEU A 19 4.09 -11.05 -5.22
CA LEU A 19 3.05 -11.87 -4.65
C LEU A 19 1.80 -11.78 -5.54
N THR A 20 1.43 -10.54 -5.85
CA THR A 20 0.27 -10.30 -6.68
C THR A 20 -1.01 -10.74 -5.96
N THR A 21 -1.93 -9.79 -5.80
CA THR A 21 -3.19 -10.09 -5.14
C THR A 21 -4.32 -9.25 -5.76
N LYS A 22 -5.51 -9.82 -5.72
CA LYS A 22 -6.68 -9.14 -6.27
C LYS A 22 -7.20 -8.13 -5.25
N GLY A 23 -7.84 -7.09 -5.76
CA GLY A 23 -8.40 -6.05 -4.92
C GLY A 23 -9.80 -5.66 -5.37
N LYS A 24 -10.56 -5.10 -4.44
CA LYS A 24 -11.92 -4.67 -4.74
C LYS A 24 -12.02 -3.15 -4.55
N ILE A 25 -12.88 -2.55 -5.36
CA ILE A 25 -13.08 -1.11 -5.29
C ILE A 25 -13.76 -0.76 -3.97
N GLY A 26 -13.03 -0.03 -3.14
CA GLY A 26 -13.54 0.38 -1.84
C GLY A 26 -12.73 -0.24 -0.71
N ASP A 27 -12.08 -1.35 -1.03
CA ASP A 27 -11.26 -2.04 -0.04
C ASP A 27 -10.13 -1.13 0.42
N SER A 28 -9.65 -1.38 1.62
CA SER A 28 -8.58 -0.59 2.19
C SER A 28 -7.82 -1.40 3.25
N LEU A 29 -7.25 -0.68 4.20
CA LEU A 29 -6.50 -1.33 5.26
C LEU A 29 -5.77 -2.55 4.70
N LEU A 30 -5.57 -3.52 5.58
CA LEU A 30 -4.88 -4.75 5.19
C LEU A 30 -5.91 -5.74 4.63
N ASP A 31 -6.76 -5.23 3.75
CA ASP A 31 -7.78 -6.06 3.14
C ASP A 31 -7.14 -6.93 2.06
N VAL A 32 -6.46 -6.27 1.13
CA VAL A 32 -5.79 -6.98 0.05
C VAL A 32 -4.71 -7.89 0.62
N VAL A 33 -4.01 -7.37 1.60
CA VAL A 33 -2.94 -8.11 2.24
C VAL A 33 -3.50 -9.43 2.78
N VAL A 34 -4.32 -9.31 3.81
CA VAL A 34 -4.92 -10.47 4.43
C VAL A 34 -5.73 -11.24 3.37
N GLN A 35 -6.48 -10.49 2.58
CA GLN A 35 -7.29 -11.06 1.53
C GLN A 35 -6.68 -12.38 1.06
N ASN A 36 -5.38 -12.34 0.83
CA ASN A 36 -4.66 -13.53 0.37
C ASN A 36 -3.57 -13.87 1.38
N ASN A 37 -3.34 -12.95 2.30
CA ASN A 37 -2.33 -13.16 3.33
C ASN A 37 -0.97 -12.72 2.79
N LEU A 38 -0.99 -11.72 1.93
CA LEU A 38 0.24 -11.20 1.34
C LEU A 38 1.34 -11.24 2.39
N ASP A 39 2.46 -11.85 2.00
CA ASP A 39 3.61 -11.95 2.89
C ASP A 39 4.42 -10.66 2.82
N ILE A 40 3.73 -9.56 3.05
CA ILE A 40 4.38 -8.26 3.02
C ILE A 40 5.60 -8.28 3.94
N ASP A 41 5.44 -7.64 5.09
CA ASP A 41 6.52 -7.59 6.07
C ASP A 41 6.08 -6.72 7.26
N GLY A 42 6.00 -7.35 8.42
CA GLY A 42 5.60 -6.66 9.62
C GLY A 42 4.08 -6.67 9.78
N PHE A 43 3.39 -6.49 8.66
CA PHE A 43 1.94 -6.48 8.67
C PHE A 43 1.40 -5.36 9.56
N GLY A 44 0.51 -4.57 8.98
CA GLY A 44 -0.09 -3.46 9.71
C GLY A 44 -0.25 -3.80 11.20
N ALA A 45 0.14 -2.85 12.03
CA ALA A 45 0.06 -3.04 13.46
C ALA A 45 -1.24 -2.15 12.92
N CYS A 46 -1.92 -1.65 13.51
CA CYS A 46 -3.27 -1.22 13.83
C CYS A 46 -3.18 -2.23 12.52
N GLU A 47 -3.92 -2.67 11.98
CA GLU A 47 -4.86 -3.24 11.03
C GLU A 47 -5.37 -2.15 10.08
N GLY A 48 -4.73 -1.00 10.16
CA GLY A 48 -5.11 0.11 9.30
C GLY A 48 -6.03 1.09 10.05
N THR A 49 -5.47 2.24 10.38
CA THR A 49 -6.22 3.26 11.10
C THR A 49 -5.59 4.64 10.87
N LEU A 50 -4.28 4.67 10.93
CA LEU A 50 -3.54 5.92 10.74
C LEU A 50 -2.40 5.69 9.76
N ALA A 51 -1.18 5.70 10.29
CA ALA A 51 -0.01 5.50 9.47
C ALA A 51 1.05 4.73 10.28
N CYS A 52 0.56 3.99 11.27
CA CYS A 52 1.45 3.21 12.12
C CYS A 52 2.80 3.09 11.42
N SER A 53 2.79 2.41 10.29
CA SER A 53 4.00 2.21 9.51
C SER A 53 3.86 0.99 8.61
N THR A 54 3.46 -0.11 9.23
CA THR A 54 3.29 -1.36 8.50
C THR A 54 2.10 -1.25 7.53
N CYS A 55 2.19 -0.26 6.65
CA CYS A 55 1.14 -0.03 5.67
C CYS A 55 1.77 0.60 4.43
N HIS A 56 2.48 1.68 4.65
CA HIS A 56 3.15 2.39 3.56
C HIS A 56 3.80 1.38 2.62
N LEU A 57 3.99 1.80 1.38
CA LEU A 57 4.60 0.94 0.38
C LEU A 57 5.02 1.80 -0.82
N ILE A 58 5.73 1.15 -1.74
CA ILE A 58 6.20 1.84 -2.93
C ILE A 58 5.22 1.61 -4.07
N PHE A 59 4.49 2.67 -4.40
CA PHE A 59 3.51 2.60 -5.47
C PHE A 59 3.88 3.53 -6.63
N GLU A 60 3.75 3.00 -7.83
CA GLU A 60 4.08 3.77 -9.02
C GLU A 60 3.78 5.25 -8.80
N GLN A 61 4.64 6.09 -9.35
CA GLN A 61 4.49 7.53 -9.22
C GLN A 61 3.48 8.05 -10.24
N HIS A 62 2.79 7.12 -10.88
CA HIS A 62 1.80 7.47 -11.88
C HIS A 62 0.45 6.86 -11.50
N ILE A 63 0.41 6.30 -10.31
CA ILE A 63 -0.82 5.68 -9.81
C ILE A 63 -1.17 6.29 -8.46
N PHE A 64 -0.16 6.42 -7.62
CA PHE A 64 -0.35 6.98 -6.29
C PHE A 64 0.04 8.46 -6.27
N GLU A 65 1.27 8.72 -6.69
CA GLU A 65 1.77 10.08 -6.71
C GLU A 65 0.70 11.05 -7.22
N LYS A 66 -0.21 10.51 -8.01
CA LYS A 66 -1.30 11.30 -8.56
C LYS A 66 -2.44 11.35 -7.54
N LEU A 67 -2.08 11.63 -6.30
CA LEU A 67 -3.06 11.72 -5.23
C LEU A 67 -2.51 12.59 -4.11
N GLU A 68 -2.32 13.86 -4.42
CA GLU A 68 -1.79 14.80 -3.45
C GLU A 68 -2.72 14.89 -2.24
N ALA A 69 -2.45 14.03 -1.26
CA ALA A 69 -3.26 14.00 -0.05
C ALA A 69 -2.43 13.42 1.09
N ILE A 70 -1.84 14.31 1.87
CA ILE A 70 -1.03 13.90 3.00
C ILE A 70 -0.60 15.14 3.80
N THR A 71 -1.07 15.19 5.03
CA THR A 71 -0.75 16.31 5.91
C THR A 71 0.01 15.82 7.15
N ASP A 72 0.52 16.78 7.90
CA ASP A 72 1.26 16.47 9.11
C ASP A 72 0.51 15.39 9.90
N GLU A 73 -0.80 15.55 9.96
CA GLU A 73 -1.64 14.60 10.68
C GLU A 73 -1.59 13.23 10.00
N GLU A 74 -1.54 13.26 8.67
CA GLU A 74 -1.48 12.04 7.90
C GLU A 74 -0.08 11.43 7.95
N ASN A 75 0.91 12.30 7.80
CA ASN A 75 2.30 11.87 7.82
C ASN A 75 2.83 11.97 9.26
N ASP A 76 1.90 12.07 10.20
CA ASP A 76 2.27 12.17 11.60
C ASP A 76 2.80 10.82 12.09
N MET A 77 2.09 9.77 11.74
CA MET A 77 2.48 8.43 12.13
C MET A 77 3.45 7.82 11.11
N LEU A 78 3.57 8.50 9.98
CA LEU A 78 4.46 8.05 8.93
C LEU A 78 5.65 9.00 8.81
N ASP A 79 5.37 10.21 8.32
CA ASP A 79 6.40 11.21 8.17
C ASP A 79 7.15 10.97 6.84
N LEU A 80 7.92 9.89 6.84
CA LEU A 80 8.69 9.53 5.66
C LEU A 80 8.35 8.10 5.24
N ALA A 81 7.95 7.32 6.22
CA ALA A 81 7.59 5.93 5.98
C ALA A 81 8.82 5.17 5.48
N TYR A 82 9.85 5.19 6.29
CA TYR A 82 11.10 4.52 5.95
C TYR A 82 11.32 4.52 4.44
N GLY A 83 11.85 5.62 3.95
CA GLY A 83 12.12 5.76 2.52
C GLY A 83 10.96 6.46 1.81
N LEU A 84 10.85 7.76 2.06
CA LEU A 84 9.80 8.56 1.47
C LEU A 84 10.17 8.88 0.01
N THR A 85 9.86 7.94 -0.87
CA THR A 85 10.15 8.10 -2.28
C THR A 85 9.05 8.91 -2.96
N ASP A 86 9.12 8.96 -4.29
CA ASP A 86 8.15 9.70 -5.07
C ASP A 86 7.02 8.75 -5.47
N ARG A 87 7.21 7.48 -5.16
CA ARG A 87 6.22 6.47 -5.49
C ARG A 87 5.87 5.64 -4.25
N SER A 88 5.33 6.34 -3.26
CA SER A 88 4.95 5.69 -2.01
C SER A 88 3.80 6.46 -1.36
N ARG A 89 3.26 5.86 -0.31
CA ARG A 89 2.16 6.48 0.42
C ARG A 89 1.71 5.58 1.57
N LEU A 90 0.42 5.63 1.86
CA LEU A 90 -0.15 4.83 2.92
C LEU A 90 -1.18 3.86 2.33
N GLY A 91 -1.41 2.78 3.07
CA GLY A 91 -2.37 1.78 2.64
C GLY A 91 -3.30 1.37 3.79
N CYS A 92 -4.10 2.33 4.22
CA CYS A 92 -5.03 2.09 5.31
C CYS A 92 -5.87 3.36 5.51
N GLN A 93 -6.13 4.05 4.41
CA GLN A 93 -6.91 5.27 4.46
C GLN A 93 -7.68 5.46 3.16
N ILE A 94 -6.97 5.36 2.05
CA ILE A 94 -7.57 5.52 0.74
C ILE A 94 -7.96 4.13 0.20
N CYS A 95 -9.25 3.95 0.03
CA CYS A 95 -9.77 2.68 -0.47
C CYS A 95 -9.08 2.39 -1.81
N LEU A 96 -9.32 1.19 -2.31
CA LEU A 96 -8.74 0.78 -3.58
C LEU A 96 -9.25 1.68 -4.69
N THR A 97 -8.67 1.52 -5.87
CA THR A 97 -9.06 2.32 -7.03
C THR A 97 -8.71 1.58 -8.32
N LYS A 98 -9.21 2.12 -9.42
CA LYS A 98 -8.96 1.53 -10.72
C LYS A 98 -7.51 1.80 -11.13
N ALA A 99 -7.05 2.98 -10.80
CA ALA A 99 -5.69 3.38 -11.12
C ALA A 99 -4.71 2.41 -10.44
N MET A 100 -5.15 1.86 -9.33
CA MET A 100 -4.33 0.93 -8.58
C MET A 100 -4.31 -0.45 -9.25
N ASP A 101 -5.16 -0.59 -10.27
CA ASP A 101 -5.24 -1.84 -11.00
C ASP A 101 -3.87 -2.17 -11.59
N ASN A 102 -3.33 -3.31 -11.15
CA ASN A 102 -2.03 -3.75 -11.63
C ASN A 102 -0.94 -3.07 -10.80
N MET A 103 -1.34 -2.57 -9.65
CA MET A 103 -0.41 -1.90 -8.76
C MET A 103 0.86 -2.73 -8.55
N THR A 104 1.90 -2.07 -8.08
CA THR A 104 3.17 -2.74 -7.84
C THR A 104 3.78 -2.26 -6.52
N VAL A 105 3.03 -2.46 -5.44
CA VAL A 105 3.48 -2.06 -4.13
C VAL A 105 4.78 -2.79 -3.80
N ARG A 106 5.77 -2.01 -3.39
CA ARG A 106 7.06 -2.58 -3.04
C ARG A 106 7.46 -2.14 -1.62
N VAL A 107 7.81 -3.14 -0.81
CA VAL A 107 8.22 -2.88 0.55
C VAL A 107 9.55 -2.13 0.56
N PRO A 108 9.59 -1.02 1.34
CA PRO A 108 10.79 -0.21 1.45
C PRO A 108 11.85 -0.91 2.30
N ASP A 109 11.53 -1.03 3.59
CA ASP A 109 12.44 -1.66 4.53
C ASP A 109 11.96 -1.39 5.96
N ALA A 110 12.46 -2.20 6.88
CA ALA A 110 12.10 -2.07 8.27
C ALA A 110 13.02 -2.95 9.12
FE1 FES B . -1.89 0.97 10.95
FE2 FES B . -1.68 1.59 8.32
S1 FES B . -1.95 3.13 9.83
S2 FES B . -1.76 -0.29 9.38
N ASP A 5 -15.61 -4.36 -11.39
CA ASP A 5 -14.79 -5.51 -11.76
C ASP A 5 -13.52 -5.50 -10.90
N LYS A 6 -13.33 -6.59 -10.17
CA LYS A 6 -12.17 -6.72 -9.32
C LYS A 6 -10.92 -6.24 -10.07
N ILE A 7 -9.86 -6.04 -9.32
CA ILE A 7 -8.61 -5.57 -9.90
C ILE A 7 -7.46 -6.43 -9.38
N THR A 8 -6.28 -6.19 -9.92
CA THR A 8 -5.10 -6.93 -9.53
C THR A 8 -4.07 -6.00 -8.91
N VAL A 9 -3.20 -6.58 -8.09
CA VAL A 9 -2.15 -5.81 -7.42
C VAL A 9 -0.92 -6.69 -7.24
N HIS A 10 0.23 -6.11 -7.58
CA HIS A 10 1.49 -6.83 -7.46
C HIS A 10 2.22 -6.39 -6.19
N PHE A 11 2.23 -7.28 -5.22
CA PHE A 11 2.89 -7.00 -3.95
C PHE A 11 4.32 -7.51 -3.95
N ILE A 12 5.22 -6.69 -4.47
CA ILE A 12 6.62 -7.06 -4.52
C ILE A 12 7.13 -7.40 -3.12
N ASN A 13 7.44 -8.67 -2.93
CA ASN A 13 7.93 -9.13 -1.64
C ASN A 13 9.28 -8.48 -1.35
N ARG A 14 9.95 -9.01 -0.33
CA ARG A 14 11.25 -8.49 0.06
C ARG A 14 12.36 -9.14 -0.76
N ASP A 15 12.08 -9.31 -2.05
CA ASP A 15 13.04 -9.92 -2.95
C ASP A 15 12.68 -9.55 -4.39
N GLY A 16 11.38 -9.59 -4.67
CA GLY A 16 10.90 -9.26 -6.00
C GLY A 16 9.88 -10.29 -6.49
N GLU A 17 9.71 -11.33 -5.67
CA GLU A 17 8.77 -12.39 -6.00
C GLU A 17 7.35 -11.83 -6.09
N THR A 18 7.07 -11.15 -7.20
CA THR A 18 5.76 -10.57 -7.40
C THR A 18 4.67 -11.49 -6.85
N LEU A 19 4.22 -11.17 -5.66
CA LEU A 19 3.18 -11.95 -5.01
C LEU A 19 1.93 -11.97 -5.89
N THR A 20 1.53 -10.77 -6.31
CA THR A 20 0.35 -10.63 -7.15
C THR A 20 -0.90 -11.07 -6.39
N THR A 21 -1.97 -10.31 -6.60
CA THR A 21 -3.24 -10.61 -5.95
C THR A 21 -4.37 -9.83 -6.60
N LYS A 22 -5.58 -10.33 -6.43
CA LYS A 22 -6.76 -9.69 -6.99
C LYS A 22 -7.68 -9.22 -5.85
N GLY A 23 -8.02 -7.95 -5.90
CA GLY A 23 -8.88 -7.36 -4.89
C GLY A 23 -10.15 -6.78 -5.52
N LYS A 24 -11.05 -6.33 -4.66
CA LYS A 24 -12.30 -5.75 -5.12
C LYS A 24 -12.25 -4.22 -4.96
N ILE A 25 -12.99 -3.55 -5.82
CA ILE A 25 -13.03 -2.09 -5.78
C ILE A 25 -13.61 -1.65 -4.44
N GLY A 26 -12.75 -1.04 -3.63
CA GLY A 26 -13.16 -0.56 -2.32
C GLY A 26 -12.63 -1.47 -1.22
N ASP A 27 -11.60 -2.23 -1.56
CA ASP A 27 -11.00 -3.14 -0.61
C ASP A 27 -9.68 -2.55 -0.11
N SER A 28 -9.64 -2.31 1.20
CA SER A 28 -8.45 -1.74 1.81
C SER A 28 -8.35 -2.20 3.27
N LEU A 29 -7.43 -1.58 3.99
CA LEU A 29 -7.22 -1.91 5.38
C LEU A 29 -6.81 -3.39 5.49
N LEU A 30 -5.94 -3.80 4.58
CA LEU A 30 -5.47 -5.17 4.54
C LEU A 30 -6.63 -6.10 4.22
N ASP A 31 -7.14 -5.95 3.00
CA ASP A 31 -8.25 -6.77 2.55
C ASP A 31 -7.79 -7.66 1.40
N VAL A 32 -7.47 -7.02 0.28
CA VAL A 32 -7.02 -7.74 -0.90
C VAL A 32 -6.01 -8.82 -0.48
N VAL A 33 -5.01 -8.39 0.27
CA VAL A 33 -3.98 -9.29 0.74
C VAL A 33 -4.64 -10.48 1.44
N VAL A 34 -5.13 -10.22 2.64
CA VAL A 34 -5.79 -11.24 3.43
C VAL A 34 -6.79 -11.99 2.55
N GLN A 35 -7.60 -11.23 1.84
CA GLN A 35 -8.60 -11.81 0.97
C GLN A 35 -8.08 -13.11 0.35
N ASN A 36 -6.81 -13.08 -0.05
CA ASN A 36 -6.18 -14.23 -0.64
C ASN A 36 -5.24 -14.88 0.37
N ASN A 37 -4.74 -14.06 1.28
CA ASN A 37 -3.83 -14.52 2.31
C ASN A 37 -2.39 -14.31 1.86
N LEU A 38 -2.24 -13.36 0.94
CA LEU A 38 -0.91 -13.04 0.42
C LEU A 38 0.12 -13.11 1.55
N ASP A 39 1.37 -13.30 1.16
CA ASP A 39 2.44 -13.38 2.12
C ASP A 39 2.43 -12.14 3.01
N ILE A 40 2.35 -10.99 2.36
CA ILE A 40 2.32 -9.73 3.07
C ILE A 40 3.22 -9.83 4.32
N ASP A 41 4.49 -10.10 4.07
CA ASP A 41 5.45 -10.22 5.15
C ASP A 41 5.48 -8.91 5.95
N GLY A 42 4.69 -8.88 6.99
CA GLY A 42 4.61 -7.71 7.85
C GLY A 42 3.27 -7.01 7.69
N PHE A 43 2.28 -7.77 7.27
CA PHE A 43 0.94 -7.24 7.08
C PHE A 43 0.62 -6.17 8.14
N GLY A 44 -0.19 -5.21 7.72
CA GLY A 44 -0.57 -4.12 8.61
C GLY A 44 -0.83 -4.65 10.03
N ALA A 45 -0.25 -3.94 11.00
CA ALA A 45 -0.40 -4.32 12.39
C ALA A 45 -1.53 -3.18 11.93
N CYS A 46 -2.16 -2.69 12.57
CA CYS A 46 -3.44 -2.11 12.93
C CYS A 46 -3.50 -3.00 11.56
N GLU A 47 -4.29 -3.31 10.99
CA GLU A 47 -5.30 -3.66 10.01
C GLU A 47 -5.80 -2.41 9.27
N GLY A 48 -4.94 -1.40 9.27
CA GLY A 48 -5.28 -0.14 8.61
C GLY A 48 -6.06 0.78 9.55
N THR A 49 -5.34 1.74 10.11
CA THR A 49 -5.94 2.69 11.03
C THR A 49 -4.96 3.82 11.35
N LEU A 50 -3.92 3.90 10.54
CA LEU A 50 -2.91 4.93 10.72
C LEU A 50 -2.38 4.87 12.16
N ALA A 51 -1.14 4.45 12.29
CA ALA A 51 -0.51 4.34 13.59
C ALA A 51 0.73 3.45 13.49
N CYS A 52 0.72 2.60 12.48
CA CYS A 52 1.83 1.69 12.25
C CYS A 52 2.62 2.16 11.03
N SER A 53 3.57 1.35 10.62
CA SER A 53 4.39 1.68 9.47
C SER A 53 4.85 0.40 8.77
N THR A 54 4.11 -0.67 9.01
CA THR A 54 4.43 -1.95 8.42
C THR A 54 3.71 -2.11 7.08
N CYS A 55 2.70 -1.29 6.89
CA CYS A 55 1.91 -1.32 5.66
C CYS A 55 2.68 -0.55 4.58
N HIS A 56 3.81 0.01 4.99
CA HIS A 56 4.63 0.78 4.07
C HIS A 56 4.73 0.04 2.74
N LEU A 57 4.30 0.74 1.68
CA LEU A 57 4.33 0.18 0.35
C LEU A 57 4.62 1.28 -0.66
N ILE A 58 4.98 0.85 -1.87
CA ILE A 58 5.29 1.80 -2.93
C ILE A 58 4.17 1.77 -3.97
N PHE A 59 3.56 2.94 -4.17
CA PHE A 59 2.47 3.07 -5.13
C PHE A 59 2.88 3.96 -6.30
N GLU A 60 2.84 3.39 -7.49
CA GLU A 60 3.20 4.12 -8.69
C GLU A 60 2.78 5.59 -8.55
N GLN A 61 3.76 6.47 -8.73
CA GLN A 61 3.50 7.90 -8.63
C GLN A 61 2.29 8.29 -9.49
N HIS A 62 2.14 7.57 -10.60
CA HIS A 62 1.04 7.83 -11.51
C HIS A 62 -0.28 7.60 -10.78
N ILE A 63 -0.18 6.98 -9.61
CA ILE A 63 -1.36 6.69 -8.81
C ILE A 63 -1.39 7.63 -7.59
N PHE A 64 -0.20 7.86 -7.04
CA PHE A 64 -0.07 8.72 -5.88
C PHE A 64 0.09 10.18 -6.30
N GLU A 65 1.13 10.43 -7.09
CA GLU A 65 1.41 11.77 -7.57
C GLU A 65 0.10 12.52 -7.84
N LYS A 66 -0.90 11.75 -8.25
CA LYS A 66 -2.21 12.32 -8.55
C LYS A 66 -3.02 12.44 -7.25
N LEU A 67 -2.34 12.91 -6.21
CA LEU A 67 -2.98 13.07 -4.92
C LEU A 67 -1.97 13.68 -3.93
N GLU A 68 -1.79 14.99 -4.06
CA GLU A 68 -0.87 15.70 -3.18
C GLU A 68 -1.56 16.05 -1.86
N ALA A 69 -1.83 15.02 -1.08
CA ALA A 69 -2.48 15.20 0.20
C ALA A 69 -1.55 14.71 1.31
N ILE A 70 -0.59 15.55 1.66
CA ILE A 70 0.37 15.20 2.70
C ILE A 70 0.99 16.49 3.27
N THR A 71 1.27 16.45 4.55
CA THR A 71 1.87 17.60 5.23
C THR A 71 2.63 17.15 6.48
N ASP A 72 3.25 18.12 7.13
CA ASP A 72 4.00 17.84 8.34
C ASP A 72 3.10 17.16 9.37
N GLU A 73 1.80 17.36 9.19
CA GLU A 73 0.83 16.77 10.08
C GLU A 73 -0.07 15.78 9.33
N GLU A 74 -0.57 16.24 8.20
CA GLU A 74 -1.43 15.42 7.36
C GLU A 74 -0.82 14.03 7.19
N ASN A 75 0.50 14.00 7.04
CA ASN A 75 1.20 12.75 6.87
C ASN A 75 0.57 11.68 7.75
N ASP A 76 0.26 12.06 8.97
CA ASP A 76 -0.35 11.15 9.92
C ASP A 76 0.38 9.80 9.87
N MET A 77 1.28 9.61 10.81
CA MET A 77 2.05 8.39 10.89
C MET A 77 3.24 8.43 9.94
N LEU A 78 2.96 8.78 8.69
CA LEU A 78 4.00 8.87 7.69
C LEU A 78 5.27 9.44 8.32
N ASP A 79 5.39 10.76 8.23
CA ASP A 79 6.55 11.45 8.79
C ASP A 79 7.80 11.06 8.00
N LEU A 80 8.11 9.77 8.03
CA LEU A 80 9.26 9.26 7.31
C LEU A 80 8.89 7.95 6.61
N ALA A 81 7.98 7.22 7.24
CA ALA A 81 7.53 5.96 6.69
C ALA A 81 8.73 5.21 6.09
N TYR A 82 9.61 4.78 6.99
CA TYR A 82 10.79 4.05 6.57
C TYR A 82 11.32 4.57 5.23
N GLY A 83 11.84 5.79 5.27
CA GLY A 83 12.37 6.43 4.07
C GLY A 83 11.32 6.49 2.97
N LEU A 84 10.24 7.20 3.27
CA LEU A 84 9.15 7.36 2.31
C LEU A 84 9.71 7.87 0.99
N THR A 85 9.25 7.26 -0.09
CA THR A 85 9.69 7.64 -1.42
C THR A 85 8.68 8.59 -2.07
N ASP A 86 8.82 8.74 -3.38
CA ASP A 86 7.93 9.60 -4.13
C ASP A 86 6.76 8.78 -4.68
N ARG A 87 6.85 7.47 -4.45
CA ARG A 87 5.82 6.56 -4.92
C ARG A 87 5.29 5.71 -3.75
N SER A 88 4.77 6.40 -2.75
CA SER A 88 4.24 5.72 -1.58
C SER A 88 3.20 6.62 -0.89
N ARG A 89 2.25 5.96 -0.23
CA ARG A 89 1.20 6.67 0.48
C ARG A 89 0.94 6.02 1.84
N LEU A 90 1.98 6.01 2.66
CA LEU A 90 1.87 5.43 3.99
C LEU A 90 1.65 3.92 3.86
N GLY A 91 0.47 3.57 3.37
CA GLY A 91 0.12 2.16 3.19
C GLY A 91 -1.33 1.91 3.59
N CYS A 92 -1.83 0.76 3.18
CA CYS A 92 -3.20 0.38 3.48
C CYS A 92 -4.10 1.60 3.24
N GLN A 93 -5.31 1.50 3.76
CA GLN A 93 -6.28 2.58 3.61
C GLN A 93 -6.67 2.75 2.15
N ILE A 94 -5.68 3.12 1.34
CA ILE A 94 -5.90 3.32 -0.08
C ILE A 94 -6.77 2.17 -0.63
N CYS A 95 -8.04 2.48 -0.81
CA CYS A 95 -8.98 1.49 -1.31
C CYS A 95 -8.58 1.15 -2.75
N LEU A 96 -9.10 0.03 -3.22
CA LEU A 96 -8.81 -0.42 -4.57
C LEU A 96 -9.46 0.53 -5.57
N THR A 97 -8.82 0.65 -6.73
CA THR A 97 -9.32 1.53 -7.77
C THR A 97 -8.75 1.12 -9.14
N LYS A 98 -9.25 1.77 -10.17
CA LYS A 98 -8.81 1.47 -11.53
C LYS A 98 -7.35 1.90 -11.68
N ALA A 99 -7.03 3.04 -11.08
CA ALA A 99 -5.68 3.57 -11.14
C ALA A 99 -4.71 2.55 -10.53
N MET A 100 -5.18 1.88 -9.49
CA MET A 100 -4.37 0.89 -8.81
C MET A 100 -4.55 -0.49 -9.45
N ASP A 101 -5.31 -0.51 -10.53
CA ASP A 101 -5.57 -1.76 -11.24
C ASP A 101 -4.24 -2.30 -11.80
N ASN A 102 -3.72 -3.29 -11.10
CA ASN A 102 -2.46 -3.91 -11.51
C ASN A 102 -1.30 -3.10 -10.93
N MET A 103 -1.58 -2.43 -9.84
CA MET A 103 -0.56 -1.63 -9.17
C MET A 103 0.51 -2.51 -8.54
N THR A 104 1.76 -2.09 -8.73
CA THR A 104 2.88 -2.83 -8.19
C THR A 104 3.30 -2.24 -6.83
N VAL A 105 2.70 -2.77 -5.78
CA VAL A 105 2.99 -2.31 -4.44
C VAL A 105 4.25 -3.02 -3.92
N ARG A 106 5.26 -2.22 -3.62
CA ARG A 106 6.52 -2.75 -3.12
C ARG A 106 6.93 -2.03 -1.83
N VAL A 107 7.39 -2.83 -0.88
CA VAL A 107 7.81 -2.28 0.40
C VAL A 107 9.04 -1.39 0.19
N PRO A 108 9.09 -0.30 1.00
CA PRO A 108 10.20 0.65 0.91
C PRO A 108 11.46 0.06 1.55
N ASP A 109 12.40 0.95 1.84
CA ASP A 109 13.65 0.55 2.45
C ASP A 109 14.34 1.77 3.05
N ALA A 110 14.84 1.61 4.26
CA ALA A 110 15.53 2.69 4.96
C ALA A 110 16.15 2.14 6.24
FE1 FES B . -1.78 0.09 10.23
FE2 FES B . -1.49 0.89 7.64
S1 FES B . -1.54 2.32 9.28
S2 FES B . -1.83 -1.05 8.55
#